data_8WYS
#
_entry.id   8WYS
#
_cell.length_a   1.00
_cell.length_b   1.00
_cell.length_c   1.00
_cell.angle_alpha   90.00
_cell.angle_beta   90.00
_cell.angle_gamma   90.00
#
_symmetry.space_group_name_H-M   'P 1'
#
loop_
_entity.id
_entity.type
_entity.pdbx_description
1 polymer 'Interleukin-2,Isoform 1 of Immunoglobulin heavy constant mu'
2 polymer 'Interleukin-2,CD5 antigen-like'
3 polymer 'Immunoglobulin J chain'
4 branched 2-acetamido-2-deoxy-beta-D-glucopyranose-(1-4)-2-acetamido-2-deoxy-beta-D-glucopyranose
5 non-polymer 2-acetamido-2-deoxy-beta-D-glucopyranose
6 non-polymer 'CALCIUM ION'
#
loop_
_entity_poly.entity_id
_entity_poly.type
_entity_poly.pdbx_seq_one_letter_code
_entity_poly.pdbx_strand_id
1 'polypeptide(L)'
;MYRMQLLSCIALSLALVTNSASAWSHPQFEKGGGSGGGSGGSAWSHPQFEKIDTTIAELPPKVSVFVPPRDGFFGNPRKS
KLICQATGFSPRQIQVSWLREGKQVGSGVTTDQVQAEAKESGPTTYKVTSTLTIKESDWLGQSMFTCRVDHRGLTFQQNA
SSMCVPDQDTAIRVFAIPPSFASIFLTKSTKLTCLVTDLTTYDSVTISWTRQNGEAVKTHTNISESHPNATFSAVGEASI
CEDDWNSGERFTCTVTHTDLPSPLKQTISRPKGVALHRPDVYLLPPAREQLNLRESATITCLVTGFSPADVFVQWMQRGQ
PLSPEKYVTSAPMPEPQAPGRYFAHSILTVSEEEWNTGETYTCVVAHEALPNRVTERTVDKSTGKPTLYNVSLVMSDTAG
TCY
;
A,L
2 'polypeptide(L)'
;MYRMQLLSCIALSLALVTNSARIHHHHHHHHSPSGVRLVGGLHRCEGRVEVEQKGQWGTVCDDGWDIKDVAVLCRELGCG
AASGTPSGILYEPPAEKEQKVLIQSVSCTGTEDTLAQCEQEEVYDCSHDEDAGASCENPESSFSPVPEGVRLADGPGHCK
GRVEVKHQNQWYTVCQTGWSLRAAKVVCRQLGCGRAVLTQKRCNKHAYGRKPIWLSQMSCSGREATLQDCPSGPWGKNTC
NHDEDTWVECEDPFDLRLVGGDNLCSGRLEVLHKGVWGSVCDDNWGEKEDQVVCKQLGCGKSLSPSFRDRKCYGPGVGRI
WLDNVRCSGEEQSLEQCQHRFWGFHDCTHQEDVAVICSG
;
M
3 'polypeptide(L)'
;MKNHLLFWGVLAVFIKAVHVKAQEDERIVLVDNKCKCARITSRIIRSSEDPNEDIVERNIRIIVPLNNRENISDPTSPLR
TRFVYHLSDLCKKCDPTEVELDNQIVTATQSNICDEDSATETCYTYDRNKCYTAVVPLVYGGETKMVETALTPDACYPDY
PYDVPDYA
;
J
#
loop_
_chem_comp.id
_chem_comp.type
_chem_comp.name
_chem_comp.formula
CA non-polymer 'CALCIUM ION' 'Ca 2'
NAG D-saccharide, beta linking 2-acetamido-2-deoxy-beta-D-glucopyranose 'C8 H15 N O6'
#
# COMPACT_ATOMS: atom_id res chain seq x y z
N ILE A 172 14.44 -29.70 58.59
CA ILE A 172 15.85 -29.29 58.64
C ILE A 172 16.19 -28.50 57.38
N ARG A 173 15.25 -28.43 56.44
CA ARG A 173 15.48 -27.74 55.17
C ARG A 173 14.19 -27.07 54.74
N VAL A 174 14.24 -25.75 54.58
CA VAL A 174 13.08 -24.96 54.14
C VAL A 174 13.48 -24.22 52.87
N PHE A 175 12.71 -24.42 51.81
CA PHE A 175 12.95 -23.71 50.56
C PHE A 175 12.49 -22.26 50.66
N ALA A 176 13.03 -21.43 49.77
CA ALA A 176 12.67 -20.02 49.67
C ALA A 176 12.48 -19.65 48.21
N ILE A 177 11.69 -20.44 47.49
CA ILE A 177 11.54 -20.37 46.04
C ILE A 177 10.85 -19.06 45.65
N PRO A 178 11.48 -18.26 44.80
CA PRO A 178 10.90 -16.96 44.44
C PRO A 178 9.92 -17.10 43.28
N PRO A 179 9.08 -16.09 43.04
CA PRO A 179 8.30 -16.06 41.80
C PRO A 179 9.20 -15.83 40.59
N SER A 180 9.33 -16.85 39.75
CA SER A 180 10.03 -16.69 38.49
C SER A 180 9.17 -15.85 37.53
N PHE A 181 9.78 -15.45 36.41
CA PHE A 181 9.04 -14.66 35.43
C PHE A 181 7.98 -15.48 34.71
N ALA A 182 8.06 -16.80 34.73
CA ALA A 182 6.98 -17.63 34.22
C ALA A 182 5.73 -17.47 35.06
N SER A 183 5.87 -17.52 36.40
CA SER A 183 4.72 -17.47 37.28
C SER A 183 4.09 -16.08 37.35
N ILE A 184 4.79 -15.05 36.88
CA ILE A 184 4.22 -13.72 36.77
C ILE A 184 3.68 -13.44 35.37
N PHE A 185 4.38 -13.94 34.34
CA PHE A 185 3.98 -13.65 32.96
C PHE A 185 2.77 -14.49 32.55
N LEU A 186 2.62 -15.71 33.07
CA LEU A 186 1.50 -16.55 32.68
C LEU A 186 0.34 -16.46 33.68
N THR A 187 0.64 -16.67 34.96
CA THR A 187 -0.41 -16.72 35.98
C THR A 187 -0.91 -15.34 36.39
N LYS A 188 -0.19 -14.28 36.01
CA LYS A 188 -0.49 -12.86 36.25
C LYS A 188 -0.54 -12.49 37.73
N SER A 189 -0.04 -13.34 38.63
CA SER A 189 0.04 -13.04 40.06
C SER A 189 1.37 -13.58 40.58
N THR A 190 2.09 -12.76 41.34
CA THR A 190 3.39 -13.15 41.85
C THR A 190 3.23 -14.17 42.97
N LYS A 191 3.32 -15.45 42.62
CA LYS A 191 3.15 -16.53 43.59
C LYS A 191 4.38 -16.62 44.49
N LEU A 192 4.17 -16.63 45.79
CA LEU A 192 5.25 -16.75 46.75
C LEU A 192 5.08 -18.00 47.59
N THR A 193 6.21 -18.61 47.94
CA THR A 193 6.21 -19.82 48.75
C THR A 193 7.47 -19.89 49.59
N CYS A 194 7.35 -20.56 50.73
CA CYS A 194 8.50 -21.02 51.51
C CYS A 194 8.11 -22.40 52.05
N LEU A 195 8.45 -23.43 51.29
CA LEU A 195 8.04 -24.79 51.62
C LEU A 195 8.87 -25.33 52.78
N VAL A 196 8.20 -25.71 53.86
CA VAL A 196 8.86 -26.22 55.05
C VAL A 196 8.87 -27.74 54.96
N THR A 197 10.08 -28.32 54.96
CA THR A 197 10.25 -29.77 54.89
C THR A 197 10.97 -30.26 56.14
N ASP A 198 10.35 -31.23 56.82
CA ASP A 198 10.85 -31.99 58.00
C ASP A 198 11.58 -31.12 59.02
N LEU A 199 10.92 -30.05 59.47
CA LEU A 199 11.53 -29.16 60.45
C LEU A 199 11.39 -29.70 61.87
N THR A 200 10.17 -29.80 62.36
CA THR A 200 9.92 -30.17 63.75
C THR A 200 8.51 -30.75 63.85
N THR A 201 8.17 -31.26 65.05
CA THR A 201 6.85 -31.80 65.32
C THR A 201 6.02 -30.71 65.98
N TYR A 202 5.47 -29.82 65.15
CA TYR A 202 4.56 -28.78 65.59
C TYR A 202 3.29 -28.90 64.75
N ASP A 203 2.14 -28.76 65.42
CA ASP A 203 0.87 -29.30 64.93
C ASP A 203 0.43 -28.68 63.61
N SER A 204 0.55 -27.36 63.47
CA SER A 204 0.19 -26.70 62.23
C SER A 204 1.18 -25.54 62.04
N VAL A 205 2.18 -25.76 61.19
CA VAL A 205 3.26 -24.81 60.97
C VAL A 205 2.72 -23.53 60.35
N THR A 206 2.77 -22.45 61.12
CA THR A 206 2.11 -21.19 60.76
C THR A 206 3.07 -20.35 59.92
N ILE A 207 2.77 -20.21 58.64
CA ILE A 207 3.53 -19.37 57.73
C ILE A 207 2.78 -18.06 57.58
N SER A 208 3.44 -16.95 57.93
CA SER A 208 2.85 -15.62 57.83
C SER A 208 3.74 -14.76 56.95
N TRP A 209 3.30 -14.51 55.72
CA TRP A 209 4.01 -13.60 54.84
C TRP A 209 3.97 -12.17 55.36
N THR A 210 5.15 -11.61 55.62
CA THR A 210 5.31 -10.29 56.21
C THR A 210 5.95 -9.36 55.19
N ARG A 211 5.37 -8.19 55.01
CA ARG A 211 5.89 -7.19 54.09
C ARG A 211 6.86 -6.28 54.85
N GLN A 212 7.20 -5.13 54.23
CA GLN A 212 8.04 -4.14 54.89
C GLN A 212 7.34 -3.54 56.09
N ASN A 213 6.03 -3.27 55.96
CA ASN A 213 5.25 -2.75 57.08
C ASN A 213 4.94 -3.82 58.11
N GLY A 214 5.09 -5.11 57.77
CA GLY A 214 4.86 -6.18 58.70
C GLY A 214 3.42 -6.64 58.82
N GLU A 215 2.50 -6.06 58.05
CA GLU A 215 1.11 -6.49 58.10
C GLU A 215 0.94 -7.85 57.44
N ALA A 216 -0.02 -8.62 57.93
CA ALA A 216 -0.23 -10.00 57.47
C ALA A 216 -1.17 -9.99 56.27
N VAL A 217 -0.65 -10.41 55.12
CA VAL A 217 -1.46 -10.60 53.92
C VAL A 217 -2.13 -11.96 54.00
N LYS A 218 -3.08 -12.23 53.11
CA LYS A 218 -3.82 -13.48 53.08
C LYS A 218 -2.89 -14.63 52.70
N THR A 219 -2.67 -15.55 53.62
CA THR A 219 -1.75 -16.67 53.43
C THR A 219 -2.53 -17.97 53.65
N HIS A 220 -3.04 -18.53 52.57
CA HIS A 220 -3.73 -19.82 52.59
C HIS A 220 -2.66 -20.89 52.62
N THR A 221 -2.23 -21.26 53.82
CA THR A 221 -1.19 -22.27 53.99
C THR A 221 -1.75 -23.65 53.71
N ASN A 222 -1.05 -24.42 52.87
CA ASN A 222 -1.50 -25.74 52.44
C ASN A 222 -0.65 -26.81 53.08
N ILE A 223 -1.30 -27.79 53.70
CA ILE A 223 -0.62 -28.94 54.30
C ILE A 223 -1.15 -30.16 53.54
N SER A 224 -0.41 -30.59 52.52
CA SER A 224 -0.87 -31.67 51.66
C SER A 224 0.23 -32.65 51.25
N GLU A 225 1.39 -32.62 51.90
CA GLU A 225 2.49 -33.51 51.55
C GLU A 225 2.76 -34.45 52.72
N SER A 226 2.97 -35.72 52.41
CA SER A 226 3.21 -36.75 53.41
C SER A 226 4.71 -37.06 53.48
N HIS A 227 5.26 -36.97 54.69
CA HIS A 227 6.68 -37.21 54.89
C HIS A 227 6.90 -38.54 55.63
N PRO A 228 7.97 -39.28 55.30
CA PRO A 228 8.21 -40.56 55.97
C PRO A 228 8.62 -40.43 57.43
N ASN A 229 9.11 -39.27 57.86
CA ASN A 229 9.58 -39.06 59.22
C ASN A 229 8.48 -38.55 60.16
N ALA A 230 7.23 -38.52 59.68
CA ALA A 230 6.06 -38.00 60.40
C ALA A 230 6.26 -36.55 60.86
N THR A 231 6.90 -35.75 60.00
CA THR A 231 7.12 -34.34 60.23
C THR A 231 6.35 -33.55 59.18
N PHE A 232 5.51 -32.63 59.63
CA PHE A 232 4.51 -32.02 58.76
C PHE A 232 5.13 -30.92 57.90
N SER A 233 4.41 -30.56 56.85
CA SER A 233 4.91 -29.64 55.84
C SER A 233 3.91 -28.49 55.65
N ALA A 234 4.43 -27.32 55.28
CA ALA A 234 3.60 -26.14 55.08
C ALA A 234 4.12 -25.35 53.89
N VAL A 235 3.19 -24.84 53.07
CA VAL A 235 3.50 -24.07 51.87
C VAL A 235 2.84 -22.70 52.01
N GLY A 236 3.64 -21.64 51.87
CA GLY A 236 3.09 -20.30 51.94
C GLY A 236 2.40 -19.88 50.67
N GLU A 237 1.68 -18.77 50.74
CA GLU A 237 0.94 -18.25 49.60
C GLU A 237 0.75 -16.75 49.79
N ALA A 238 1.15 -15.96 48.79
CA ALA A 238 1.01 -14.52 48.84
C ALA A 238 0.45 -14.03 47.51
N SER A 239 -0.44 -13.06 47.59
CA SER A 239 -1.05 -12.44 46.40
C SER A 239 -0.49 -11.06 46.15
N ILE A 240 0.83 -10.89 46.35
CA ILE A 240 1.48 -9.60 46.15
C ILE A 240 1.49 -9.25 44.67
N CYS A 241 1.11 -8.02 44.35
CA CYS A 241 0.96 -7.60 42.97
C CYS A 241 2.32 -7.42 42.31
N GLU A 242 2.29 -7.28 40.98
CA GLU A 242 3.51 -7.18 40.19
C GLU A 242 4.23 -5.85 40.43
N ASP A 243 3.45 -4.76 40.61
CA ASP A 243 4.05 -3.45 40.85
C ASP A 243 4.71 -3.38 42.22
N ASP A 244 4.21 -4.14 43.20
CA ASP A 244 4.84 -4.19 44.51
C ASP A 244 6.12 -5.01 44.49
N TRP A 245 6.16 -6.09 43.70
CA TRP A 245 7.38 -6.89 43.63
C TRP A 245 8.46 -6.19 42.81
N ASN A 246 8.06 -5.51 41.72
CA ASN A 246 9.02 -4.82 40.88
C ASN A 246 9.60 -3.57 41.51
N SER A 247 9.06 -3.12 42.65
CA SER A 247 9.71 -2.07 43.42
C SER A 247 10.93 -2.59 44.17
N GLY A 248 11.09 -3.90 44.29
CA GLY A 248 12.27 -4.49 44.90
C GLY A 248 12.35 -4.33 46.40
N GLU A 249 11.47 -5.00 47.12
CA GLU A 249 11.48 -4.97 48.59
C GLU A 249 11.84 -6.35 49.13
N ARG A 250 12.44 -6.35 50.32
CA ARG A 250 12.87 -7.60 50.96
C ARG A 250 11.68 -8.24 51.66
N PHE A 251 11.33 -9.45 51.25
CA PHE A 251 10.17 -10.16 51.77
C PHE A 251 10.63 -11.27 52.71
N THR A 252 9.71 -11.72 53.56
CA THR A 252 10.01 -12.72 54.59
C THR A 252 8.71 -13.33 55.08
N CYS A 253 8.62 -14.66 55.09
CA CYS A 253 7.56 -15.35 55.81
C CYS A 253 8.03 -15.58 57.25
N THR A 254 7.50 -14.79 58.17
CA THR A 254 7.83 -14.95 59.59
C THR A 254 7.10 -16.16 60.11
N VAL A 255 7.77 -17.32 60.09
CA VAL A 255 7.14 -18.58 60.49
C VAL A 255 7.11 -18.66 62.01
N THR A 256 5.90 -18.66 62.57
CA THR A 256 5.72 -18.72 64.01
C THR A 256 5.95 -20.15 64.50
N HIS A 257 6.88 -20.31 65.45
CA HIS A 257 7.26 -21.61 65.98
C HIS A 257 6.94 -21.63 67.48
N THR A 258 6.19 -22.63 67.91
CA THR A 258 6.04 -22.91 69.33
C THR A 258 6.88 -24.11 69.78
N ASP A 259 7.05 -25.09 68.90
CA ASP A 259 8.04 -26.14 69.11
C ASP A 259 9.31 -25.74 68.36
N LEU A 260 10.45 -25.76 69.08
CA LEU A 260 11.73 -25.16 68.70
C LEU A 260 11.49 -23.70 68.32
N PRO A 261 11.22 -22.82 69.29
CA PRO A 261 10.73 -21.46 68.97
C PRO A 261 11.84 -20.52 68.53
N SER A 262 12.39 -20.79 67.35
CA SER A 262 13.36 -19.91 66.71
C SER A 262 12.70 -19.26 65.50
N PRO A 263 12.58 -17.93 65.44
CA PRO A 263 11.93 -17.28 64.30
C PRO A 263 12.76 -17.39 63.02
N LEU A 264 12.30 -18.22 62.08
CA LEU A 264 13.00 -18.43 60.82
C LEU A 264 12.60 -17.31 59.86
N LYS A 265 13.23 -16.15 60.03
CA LYS A 265 13.02 -15.02 59.14
C LYS A 265 13.82 -15.23 57.87
N GLN A 266 13.28 -16.05 56.98
CA GLN A 266 13.95 -16.34 55.71
C GLN A 266 13.88 -15.13 54.80
N THR A 267 15.03 -14.75 54.25
CA THR A 267 15.15 -13.52 53.47
C THR A 267 15.08 -13.83 51.99
N ILE A 268 14.32 -13.01 51.26
CA ILE A 268 14.12 -13.19 49.83
C ILE A 268 13.76 -11.83 49.23
N SER A 269 14.47 -11.44 48.17
CA SER A 269 14.26 -10.13 47.57
C SER A 269 14.67 -10.16 46.11
N ARG A 270 14.20 -9.16 45.37
CA ARG A 270 14.58 -9.00 43.97
C ARG A 270 16.03 -8.53 43.88
N PRO A 271 16.83 -9.10 42.98
CA PRO A 271 18.15 -8.51 42.68
C PRO A 271 18.02 -7.16 42.01
N LYS A 272 18.40 -6.10 42.71
CA LYS A 272 18.16 -4.74 42.26
C LYS A 272 19.17 -4.34 41.19
N GLY A 273 18.68 -3.75 40.10
CA GLY A 273 19.55 -3.16 39.09
C GLY A 273 20.29 -4.14 38.21
N VAL A 274 19.80 -5.38 38.10
CA VAL A 274 20.45 -6.35 37.21
C VAL A 274 20.09 -6.00 35.77
N ALA A 275 21.04 -6.25 34.86
CA ALA A 275 20.83 -5.94 33.46
C ALA A 275 19.88 -6.94 32.82
N LEU A 276 19.34 -6.56 31.66
CA LEU A 276 18.37 -7.37 30.93
C LEU A 276 18.94 -7.66 29.56
N HIS A 277 19.46 -8.88 29.36
CA HIS A 277 19.96 -9.35 28.08
C HIS A 277 19.08 -10.48 27.58
N ARG A 278 18.59 -10.34 26.35
CA ARG A 278 17.61 -11.28 25.82
C ARG A 278 18.27 -12.63 25.50
N PRO A 279 17.51 -13.72 25.57
CA PRO A 279 18.08 -15.03 25.20
C PRO A 279 18.16 -15.17 23.69
N ASP A 280 19.37 -15.34 23.18
CA ASP A 280 19.59 -15.58 21.76
C ASP A 280 19.52 -17.08 21.55
N VAL A 281 18.34 -17.56 21.16
CA VAL A 281 17.98 -18.97 21.21
C VAL A 281 18.31 -19.66 19.88
N TYR A 282 18.97 -20.81 19.98
CA TYR A 282 19.23 -21.68 18.84
C TYR A 282 18.68 -23.06 19.14
N LEU A 283 18.23 -23.75 18.11
CA LEU A 283 17.68 -25.10 18.24
C LEU A 283 18.61 -26.07 17.51
N LEU A 284 19.35 -26.85 18.29
CA LEU A 284 20.27 -27.81 17.71
C LEU A 284 19.54 -29.10 17.37
N PRO A 285 19.55 -29.55 16.13
CA PRO A 285 18.98 -30.86 15.79
C PRO A 285 19.84 -31.97 16.37
N PRO A 286 19.27 -33.17 16.58
CA PRO A 286 20.05 -34.27 17.14
C PRO A 286 21.15 -34.73 16.19
N ALA A 287 22.27 -35.14 16.77
CA ALA A 287 23.42 -35.56 15.99
C ALA A 287 23.14 -36.88 15.30
N ARG A 288 23.80 -37.08 14.15
CA ARG A 288 23.58 -38.27 13.35
C ARG A 288 24.09 -39.54 14.02
N GLU A 289 25.04 -39.42 14.96
CA GLU A 289 25.45 -40.57 15.75
C GLU A 289 24.32 -41.06 16.65
N GLN A 290 23.57 -40.14 17.25
CA GLN A 290 22.39 -40.54 18.01
C GLN A 290 21.22 -40.91 17.10
N LEU A 291 21.21 -40.44 15.86
CA LEU A 291 20.22 -40.87 14.89
C LEU A 291 20.44 -42.32 14.46
N ASN A 292 21.71 -42.74 14.37
CA ASN A 292 22.04 -44.08 13.90
C ASN A 292 21.79 -45.16 14.95
N LEU A 293 21.50 -44.78 16.19
CA LEU A 293 21.11 -45.76 17.20
C LEU A 293 19.73 -46.34 16.92
N ARG A 294 18.87 -45.60 16.20
CA ARG A 294 17.50 -45.98 15.85
C ARG A 294 16.64 -46.23 17.10
N GLU A 295 16.96 -45.57 18.21
CA GLU A 295 16.24 -45.74 19.46
C GLU A 295 15.58 -44.45 19.93
N SER A 296 16.35 -43.35 20.03
CA SER A 296 15.80 -42.08 20.45
C SER A 296 16.63 -40.95 19.87
N ALA A 297 16.04 -39.77 19.85
CA ALA A 297 16.68 -38.55 19.39
C ALA A 297 16.61 -37.50 20.48
N THR A 298 17.71 -36.77 20.69
CA THR A 298 17.81 -35.77 21.73
C THR A 298 17.91 -34.41 21.05
N ILE A 299 16.86 -33.60 21.14
CA ILE A 299 16.86 -32.26 20.60
C ILE A 299 17.23 -31.30 21.72
N THR A 300 18.26 -30.50 21.49
CA THR A 300 18.78 -29.58 22.49
C THR A 300 18.41 -28.16 22.08
N CYS A 301 17.84 -27.40 23.01
CA CYS A 301 17.58 -25.99 22.79
C CYS A 301 18.61 -25.17 23.58
N LEU A 302 19.36 -24.35 22.85
CA LEU A 302 20.45 -23.60 23.45
C LEU A 302 19.99 -22.18 23.76
N VAL A 303 19.16 -22.06 24.80
CA VAL A 303 18.81 -20.75 25.33
C VAL A 303 20.03 -20.22 26.09
N THR A 304 20.73 -19.27 25.48
CA THR A 304 22.02 -18.81 25.94
C THR A 304 22.04 -17.30 26.05
N GLY A 305 22.87 -16.82 26.98
CA GLY A 305 23.11 -15.39 27.12
C GLY A 305 21.94 -14.57 27.63
N PHE A 306 21.30 -15.04 28.70
CA PHE A 306 20.25 -14.28 29.35
C PHE A 306 20.69 -13.87 30.75
N SER A 307 20.55 -12.56 31.03
CA SER A 307 21.04 -11.95 32.26
C SER A 307 20.16 -12.07 33.51
N PRO A 308 18.82 -11.97 33.46
CA PRO A 308 18.04 -12.20 34.70
C PRO A 308 18.10 -13.63 35.25
N ALA A 309 18.54 -14.61 34.47
CA ALA A 309 18.81 -16.00 34.85
C ALA A 309 17.59 -16.74 35.37
N ASP A 310 16.39 -16.40 34.91
CA ASP A 310 15.20 -17.21 35.18
C ASP A 310 14.51 -17.58 33.87
N VAL A 311 14.73 -18.81 33.42
CA VAL A 311 14.33 -19.25 32.09
C VAL A 311 13.09 -20.13 32.24
N PHE A 312 12.23 -20.08 31.24
CA PHE A 312 11.06 -20.95 31.15
C PHE A 312 10.91 -21.36 29.69
N VAL A 313 11.38 -22.56 29.37
CA VAL A 313 11.30 -23.09 28.02
C VAL A 313 10.21 -24.15 27.97
N GLN A 314 9.31 -24.01 26.99
CA GLN A 314 8.23 -24.96 26.79
C GLN A 314 8.31 -25.50 25.37
N TRP A 315 8.16 -26.81 25.23
CA TRP A 315 8.21 -27.47 23.93
C TRP A 315 6.81 -27.78 23.44
N MET A 316 6.59 -27.59 22.14
CA MET A 316 5.35 -28.02 21.51
C MET A 316 5.70 -28.85 20.28
N GLN A 317 4.96 -29.95 20.10
CA GLN A 317 5.11 -30.79 18.91
C GLN A 317 4.06 -30.33 17.91
N ARG A 318 4.51 -29.57 16.91
CA ARG A 318 3.76 -28.96 15.80
C ARG A 318 2.40 -28.37 16.16
N GLY A 319 2.30 -27.73 17.33
CA GLY A 319 1.10 -26.99 17.66
C GLY A 319 0.50 -27.25 19.03
N GLN A 320 0.52 -28.50 19.48
CA GLN A 320 0.05 -28.64 20.86
C GLN A 320 1.24 -28.76 21.80
N PRO A 321 1.17 -28.16 22.99
CA PRO A 321 2.31 -28.16 23.90
C PRO A 321 2.59 -29.54 24.48
N LEU A 322 3.86 -29.83 24.68
CA LEU A 322 4.30 -31.13 25.16
C LEU A 322 4.19 -31.18 26.68
N SER A 323 4.35 -32.39 27.21
CA SER A 323 4.30 -32.58 28.65
C SER A 323 5.54 -31.96 29.31
N PRO A 324 5.39 -31.33 30.47
CA PRO A 324 6.56 -30.73 31.15
C PRO A 324 7.56 -31.76 31.65
N GLU A 325 7.16 -33.01 31.87
CA GLU A 325 8.09 -34.04 32.31
C GLU A 325 8.80 -34.73 31.15
N LYS A 326 8.37 -34.48 29.90
CA LYS A 326 9.01 -35.10 28.76
C LYS A 326 10.37 -34.47 28.46
N TYR A 327 10.48 -33.15 28.66
CA TYR A 327 11.73 -32.44 28.44
C TYR A 327 12.43 -32.20 29.77
N VAL A 328 13.73 -31.98 29.72
CA VAL A 328 14.53 -31.64 30.89
C VAL A 328 15.16 -30.28 30.65
N THR A 329 14.97 -29.37 31.58
CA THR A 329 15.51 -28.02 31.49
C THR A 329 16.62 -27.87 32.52
N SER A 330 17.82 -27.56 32.04
CA SER A 330 18.95 -27.37 32.94
C SER A 330 18.82 -26.05 33.68
N ALA A 331 19.38 -26.00 34.87
CA ALA A 331 19.41 -24.77 35.63
C ALA A 331 20.35 -23.77 34.96
N PRO A 332 20.06 -22.46 35.04
CA PRO A 332 20.93 -21.48 34.38
C PRO A 332 22.27 -21.32 35.11
N MET A 333 23.32 -21.88 34.52
CA MET A 333 24.69 -21.75 34.98
C MET A 333 25.31 -20.51 34.36
N PRO A 334 26.36 -19.95 34.99
CA PRO A 334 27.07 -18.81 34.37
C PRO A 334 27.76 -19.21 33.08
N GLU A 335 27.61 -18.37 32.06
CA GLU A 335 28.20 -18.62 30.76
C GLU A 335 29.72 -18.47 30.85
N PRO A 336 30.49 -19.37 30.21
CA PRO A 336 31.96 -19.33 30.36
C PRO A 336 32.63 -18.11 29.72
N GLN A 337 32.31 -17.83 28.46
CA GLN A 337 33.03 -16.81 27.71
C GLN A 337 32.49 -15.40 27.92
N ALA A 338 31.44 -15.23 28.72
CA ALA A 338 30.90 -13.90 28.99
C ALA A 338 30.52 -13.82 30.47
N PRO A 339 30.91 -12.75 31.17
CA PRO A 339 30.69 -12.67 32.62
C PRO A 339 29.23 -12.51 33.03
N GLY A 340 28.52 -11.59 32.38
CA GLY A 340 27.17 -11.25 32.78
C GLY A 340 26.07 -12.11 32.21
N ARG A 341 26.40 -13.14 31.44
CA ARG A 341 25.42 -13.98 30.78
C ARG A 341 25.23 -15.31 31.50
N TYR A 342 24.07 -15.92 31.27
CA TYR A 342 23.76 -17.25 31.76
C TYR A 342 23.15 -18.06 30.63
N PHE A 343 23.34 -19.38 30.69
CA PHE A 343 22.89 -20.27 29.63
C PHE A 343 22.13 -21.45 30.23
N ALA A 344 21.21 -21.99 29.45
CA ALA A 344 20.43 -23.15 29.88
C ALA A 344 20.26 -24.11 28.71
N HIS A 345 20.12 -25.38 29.04
CA HIS A 345 19.84 -26.43 28.07
C HIS A 345 18.40 -26.90 28.23
N SER A 346 17.73 -27.16 27.12
CA SER A 346 16.45 -27.84 27.12
C SER A 346 16.59 -29.09 26.28
N ILE A 347 16.65 -30.24 26.94
CA ILE A 347 16.86 -31.53 26.30
C ILE A 347 15.51 -32.19 26.12
N LEU A 348 15.13 -32.44 24.86
CA LEU A 348 13.91 -33.17 24.54
C LEU A 348 14.30 -34.52 23.97
N THR A 349 13.95 -35.58 24.69
CA THR A 349 14.28 -36.94 24.29
C THR A 349 13.04 -37.56 23.64
N VAL A 350 12.98 -37.49 22.31
CA VAL A 350 11.88 -38.08 21.57
C VAL A 350 12.38 -39.36 20.90
N SER A 351 11.44 -40.14 20.39
CA SER A 351 11.78 -41.40 19.74
C SER A 351 12.38 -41.14 18.35
N GLU A 352 13.01 -42.19 17.80
CA GLU A 352 13.64 -42.08 16.49
C GLU A 352 12.60 -41.95 15.39
N GLU A 353 11.55 -42.78 15.44
CA GLU A 353 10.53 -42.76 14.40
C GLU A 353 9.63 -41.53 14.50
N GLU A 354 9.62 -40.84 15.64
CA GLU A 354 8.92 -39.56 15.72
C GLU A 354 9.72 -38.45 15.04
N TRP A 355 11.05 -38.49 15.16
CA TRP A 355 11.87 -37.46 14.53
C TRP A 355 11.95 -37.66 13.03
N ASN A 356 12.03 -38.91 12.57
CA ASN A 356 12.25 -39.19 11.16
C ASN A 356 11.01 -39.01 10.30
N THR A 357 9.83 -38.83 10.90
CA THR A 357 8.66 -38.48 10.12
C THR A 357 8.61 -37.01 9.75
N GLY A 358 9.43 -36.17 10.38
CA GLY A 358 9.49 -34.77 10.01
C GLY A 358 8.51 -33.89 10.75
N GLU A 359 8.18 -34.23 11.99
CA GLU A 359 7.34 -33.38 12.81
C GLU A 359 8.14 -32.18 13.30
N THR A 360 7.58 -30.99 13.13
CA THR A 360 8.27 -29.77 13.54
C THR A 360 8.22 -29.65 15.06
N TYR A 361 9.38 -29.55 15.68
CA TYR A 361 9.49 -29.44 17.14
C TYR A 361 9.89 -28.00 17.47
N THR A 362 9.09 -27.35 18.31
CA THR A 362 9.26 -25.94 18.60
C THR A 362 9.87 -25.76 19.98
N CYS A 363 10.68 -24.72 20.13
CA CYS A 363 11.31 -24.38 21.40
C CYS A 363 10.80 -23.01 21.82
N VAL A 364 9.68 -22.98 22.54
CA VAL A 364 9.09 -21.73 23.01
C VAL A 364 9.68 -21.43 24.38
N VAL A 365 10.43 -20.34 24.46
CA VAL A 365 11.09 -19.93 25.69
C VAL A 365 10.52 -18.59 26.14
N ALA A 366 10.13 -18.51 27.41
CA ALA A 366 9.57 -17.29 27.98
C ALA A 366 10.58 -16.68 28.94
N HIS A 367 10.73 -15.36 28.87
CA HIS A 367 11.77 -14.68 29.62
C HIS A 367 11.35 -13.22 29.80
N GLU A 368 11.99 -12.56 30.77
CA GLU A 368 11.71 -11.15 31.03
C GLU A 368 12.34 -10.27 29.95
N ALA A 369 13.55 -10.62 29.51
CA ALA A 369 14.40 -9.65 28.84
C ALA A 369 14.03 -9.39 27.38
N LEU A 370 13.21 -10.22 26.75
CA LEU A 370 12.77 -9.89 25.40
C LEU A 370 11.70 -8.80 25.45
N PRO A 371 11.63 -7.93 24.44
CA PRO A 371 10.50 -7.00 24.35
C PRO A 371 9.16 -7.69 24.14
N ASN A 372 9.12 -8.83 23.45
CA ASN A 372 7.87 -9.57 23.25
C ASN A 372 7.70 -10.66 24.31
N ARG A 373 8.75 -10.93 25.10
CA ARG A 373 8.84 -11.84 26.25
C ARG A 373 8.74 -13.32 25.89
N VAL A 374 8.49 -13.66 24.62
CA VAL A 374 8.35 -15.05 24.17
C VAL A 374 8.89 -15.13 22.75
N THR A 375 9.78 -16.10 22.51
CA THR A 375 10.23 -16.43 21.16
C THR A 375 10.19 -17.93 20.98
N GLU A 376 10.23 -18.35 19.71
CA GLU A 376 10.09 -19.75 19.35
C GLU A 376 10.93 -20.06 18.13
N ARG A 377 11.75 -21.10 18.21
CA ARG A 377 12.51 -21.60 17.07
C ARG A 377 12.02 -22.99 16.70
N THR A 378 12.17 -23.34 15.43
CA THR A 378 11.60 -24.56 14.87
C THR A 378 12.67 -25.36 14.15
N VAL A 379 12.69 -26.67 14.39
CA VAL A 379 13.45 -27.60 13.56
C VAL A 379 12.58 -28.80 13.23
N ASP A 380 12.92 -29.45 12.12
CA ASP A 380 12.43 -30.77 11.79
C ASP A 380 13.61 -31.53 11.18
N LYS A 381 13.34 -32.65 10.51
CA LYS A 381 14.43 -33.39 9.88
C LYS A 381 15.05 -32.60 8.72
N SER A 382 14.21 -31.94 7.92
CA SER A 382 14.70 -31.24 6.75
C SER A 382 15.40 -29.93 7.12
N THR A 383 14.83 -29.18 8.07
CA THR A 383 15.32 -27.83 8.34
C THR A 383 16.64 -27.85 9.11
N GLY A 384 16.74 -28.70 10.14
CA GLY A 384 17.85 -28.60 11.08
C GLY A 384 19.18 -29.05 10.51
N LYS A 385 19.19 -30.16 9.78
CA LYS A 385 20.43 -30.77 9.33
C LYS A 385 20.43 -30.88 7.81
N PRO A 386 21.47 -30.40 7.12
CA PRO A 386 21.53 -30.50 5.65
C PRO A 386 22.01 -31.87 5.17
N THR A 387 21.21 -32.90 5.43
CA THR A 387 21.48 -34.21 4.85
C THR A 387 21.07 -34.27 3.39
N LEU A 388 20.01 -33.56 3.00
CA LEU A 388 19.54 -33.54 1.63
C LEU A 388 18.75 -32.27 1.40
N TYR A 389 19.06 -31.57 0.31
CA TYR A 389 18.40 -30.31 -0.04
C TYR A 389 17.74 -30.45 -1.40
N ASN A 390 16.47 -30.85 -1.41
CA ASN A 390 15.69 -30.97 -2.63
C ASN A 390 15.05 -29.62 -2.97
N VAL A 391 15.85 -28.77 -3.59
CA VAL A 391 15.38 -27.47 -4.05
C VAL A 391 14.93 -27.62 -5.50
N SER A 392 13.87 -26.91 -5.88
CA SER A 392 13.36 -26.93 -7.25
C SER A 392 12.94 -25.51 -7.60
N LEU A 393 13.66 -24.89 -8.52
CA LEU A 393 13.43 -23.50 -8.91
C LEU A 393 12.73 -23.48 -10.25
N VAL A 394 11.64 -22.73 -10.35
CA VAL A 394 10.88 -22.58 -11.58
C VAL A 394 10.76 -21.09 -11.89
N MET A 395 11.28 -20.68 -13.04
CA MET A 395 11.13 -19.32 -13.55
C MET A 395 10.30 -19.41 -14.82
N SER A 396 9.02 -19.09 -14.71
CA SER A 396 8.06 -19.46 -15.74
C SER A 396 8.19 -18.59 -16.99
N ASP A 397 8.36 -17.28 -16.81
CA ASP A 397 8.21 -16.39 -17.95
C ASP A 397 9.58 -16.15 -18.58
N THR A 398 10.55 -15.66 -17.78
CA THR A 398 11.96 -15.33 -18.10
C THR A 398 12.15 -14.60 -19.44
N ALA A 399 11.19 -13.78 -19.83
CA ALA A 399 11.21 -13.12 -21.14
C ALA A 399 10.29 -11.90 -21.07
N GLY A 400 9.95 -11.39 -22.23
CA GLY A 400 8.79 -10.54 -22.39
C GLY A 400 8.97 -9.14 -21.83
N THR A 401 7.88 -8.38 -21.89
CA THR A 401 7.91 -6.99 -21.44
C THR A 401 7.61 -6.90 -19.96
N CYS A 402 8.27 -5.94 -19.30
CA CYS A 402 8.03 -5.66 -17.89
C CYS A 402 8.32 -4.19 -17.64
N TYR A 403 7.47 -3.57 -16.84
CA TYR A 403 7.59 -2.15 -16.53
C TYR A 403 7.30 -1.86 -15.07
N ILE B 172 -22.16 19.67 -50.65
CA ILE B 172 -23.12 18.77 -51.26
C ILE B 172 -23.36 17.57 -50.34
N ARG B 173 -22.51 17.44 -49.33
CA ARG B 173 -22.59 16.36 -48.35
C ARG B 173 -23.01 16.90 -46.99
N VAL B 174 -23.49 15.99 -46.14
CA VAL B 174 -23.89 16.34 -44.78
C VAL B 174 -23.30 15.31 -43.82
N PHE B 175 -23.18 15.73 -42.57
CA PHE B 175 -22.71 14.86 -41.50
C PHE B 175 -23.60 15.05 -40.28
N ALA B 176 -23.65 14.01 -39.45
CA ALA B 176 -24.48 13.98 -38.25
C ALA B 176 -23.71 13.28 -37.13
N ILE B 177 -22.56 13.86 -36.78
CA ILE B 177 -21.68 13.28 -35.76
C ILE B 177 -22.26 13.23 -34.36
N PRO B 178 -22.25 12.05 -33.76
CA PRO B 178 -22.70 11.98 -32.38
C PRO B 178 -21.57 12.21 -31.41
N PRO B 179 -21.89 12.58 -30.19
CA PRO B 179 -20.81 12.67 -29.22
C PRO B 179 -20.25 11.31 -28.92
N SER B 180 -18.95 11.16 -29.07
CA SER B 180 -18.32 9.89 -28.85
C SER B 180 -17.80 9.83 -27.44
N PHE B 181 -17.21 8.72 -27.05
CA PHE B 181 -16.60 8.69 -25.74
C PHE B 181 -15.32 9.51 -25.66
N ALA B 182 -14.80 9.97 -26.79
CA ALA B 182 -13.72 10.95 -26.74
C ALA B 182 -14.25 12.31 -26.30
N SER B 183 -15.27 12.82 -26.99
CA SER B 183 -15.75 14.18 -26.78
C SER B 183 -16.53 14.36 -25.48
N ILE B 184 -16.92 13.27 -24.81
CA ILE B 184 -17.58 13.39 -23.52
C ILE B 184 -16.66 13.05 -22.36
N PHE B 185 -15.40 12.76 -22.61
CA PHE B 185 -14.45 12.45 -21.55
C PHE B 185 -13.31 13.45 -21.47
N LEU B 186 -12.65 13.76 -22.58
CA LEU B 186 -11.56 14.73 -22.53
C LEU B 186 -12.08 16.15 -22.40
N THR B 187 -13.30 16.41 -22.87
CA THR B 187 -13.91 17.73 -22.75
C THR B 187 -15.00 17.80 -21.71
N LYS B 188 -15.52 16.64 -21.27
CA LYS B 188 -16.54 16.50 -20.23
C LYS B 188 -17.83 17.27 -20.57
N SER B 189 -18.17 17.33 -21.85
CA SER B 189 -19.39 17.99 -22.30
C SER B 189 -19.82 17.34 -23.61
N THR B 190 -21.04 16.82 -23.66
CA THR B 190 -21.52 16.13 -24.85
C THR B 190 -21.90 17.17 -25.89
N LYS B 191 -21.03 17.35 -26.89
CA LYS B 191 -21.26 18.29 -27.97
C LYS B 191 -21.88 17.54 -29.14
N LEU B 192 -23.02 18.04 -29.62
CA LEU B 192 -23.73 17.43 -30.74
C LEU B 192 -23.83 18.47 -31.86
N THR B 193 -23.36 18.10 -33.04
CA THR B 193 -23.44 18.99 -34.19
C THR B 193 -23.74 18.18 -35.44
N CYS B 194 -24.49 18.78 -36.36
CA CYS B 194 -24.70 18.23 -37.69
C CYS B 194 -23.97 19.13 -38.67
N LEU B 195 -22.84 18.64 -39.18
CA LEU B 195 -21.96 19.41 -40.04
C LEU B 195 -22.56 19.47 -41.44
N VAL B 196 -23.26 20.56 -41.74
CA VAL B 196 -23.73 20.81 -43.09
C VAL B 196 -22.55 21.34 -43.90
N THR B 197 -22.17 20.60 -44.94
CA THR B 197 -20.93 20.87 -45.68
C THR B 197 -21.28 21.29 -47.10
N ASP B 198 -21.17 22.61 -47.34
CA ASP B 198 -21.26 23.31 -48.64
C ASP B 198 -22.35 22.76 -49.58
N LEU B 199 -23.59 22.81 -49.11
CA LEU B 199 -24.69 22.30 -49.91
C LEU B 199 -25.13 23.30 -50.98
N THR B 200 -25.66 24.44 -50.57
CA THR B 200 -26.13 25.47 -51.49
C THR B 200 -25.89 26.81 -50.82
N THR B 201 -25.68 27.86 -51.63
CA THR B 201 -25.37 29.19 -51.14
C THR B 201 -26.58 29.80 -50.46
N TYR B 202 -26.58 29.76 -49.12
CA TYR B 202 -27.63 30.33 -48.30
C TYR B 202 -27.01 31.39 -47.39
N ASP B 203 -27.84 32.35 -46.96
CA ASP B 203 -27.35 33.47 -46.15
C ASP B 203 -26.86 33.01 -44.78
N SER B 204 -27.68 32.22 -44.08
CA SER B 204 -27.29 31.68 -42.78
C SER B 204 -28.12 30.42 -42.54
N VAL B 205 -27.48 29.26 -42.66
CA VAL B 205 -28.18 27.98 -42.51
C VAL B 205 -28.48 27.78 -41.03
N THR B 206 -29.75 27.94 -40.66
CA THR B 206 -30.16 27.75 -39.27
C THR B 206 -30.19 26.28 -38.91
N ILE B 207 -29.73 25.97 -37.71
CA ILE B 207 -29.67 24.60 -37.20
C ILE B 207 -30.33 24.59 -35.82
N SER B 208 -31.39 23.80 -35.67
CA SER B 208 -32.17 23.77 -34.44
C SER B 208 -32.33 22.31 -34.00
N TRP B 209 -31.52 21.91 -33.01
CA TRP B 209 -31.64 20.59 -32.42
C TRP B 209 -32.97 20.45 -31.69
N THR B 210 -33.49 19.22 -31.68
CA THR B 210 -34.80 18.96 -31.10
C THR B 210 -34.76 17.70 -30.24
N ARG B 211 -35.68 17.64 -29.29
CA ARG B 211 -35.88 16.48 -28.44
C ARG B 211 -37.10 15.69 -28.93
N GLN B 212 -37.55 14.73 -28.11
CA GLN B 212 -38.68 13.88 -28.47
C GLN B 212 -39.98 14.68 -28.61
N ASN B 213 -40.20 15.64 -27.71
CA ASN B 213 -41.34 16.55 -27.87
C ASN B 213 -41.15 17.49 -29.06
N GLY B 214 -39.91 17.85 -29.36
CA GLY B 214 -39.61 18.61 -30.56
C GLY B 214 -39.35 20.08 -30.39
N GLU B 215 -39.08 20.56 -29.19
CA GLU B 215 -38.76 21.97 -29.03
C GLU B 215 -37.32 22.22 -29.48
N ALA B 216 -37.06 23.47 -29.88
CA ALA B 216 -35.75 23.83 -30.40
C ALA B 216 -34.75 23.96 -29.24
N VAL B 217 -33.76 23.07 -29.21
CA VAL B 217 -32.68 23.17 -28.24
C VAL B 217 -31.82 24.38 -28.58
N LYS B 218 -31.41 25.13 -27.56
CA LYS B 218 -30.59 26.32 -27.74
C LYS B 218 -29.22 25.95 -28.31
N THR B 219 -29.03 26.24 -29.60
CA THR B 219 -27.89 25.75 -30.35
C THR B 219 -27.03 26.91 -30.81
N HIS B 220 -25.74 26.83 -30.52
CA HIS B 220 -24.78 27.80 -31.06
C HIS B 220 -24.59 27.51 -32.54
N THR B 221 -25.13 28.37 -33.39
CA THR B 221 -25.07 28.20 -34.84
C THR B 221 -23.91 29.03 -35.36
N ASN B 222 -22.82 28.36 -35.73
CA ASN B 222 -21.61 29.01 -36.19
C ASN B 222 -21.53 28.92 -37.70
N ILE B 223 -21.28 30.06 -38.35
CA ILE B 223 -21.06 30.08 -39.78
C ILE B 223 -19.61 29.67 -40.05
N SER B 224 -19.43 28.71 -40.96
CA SER B 224 -18.11 28.22 -41.27
C SER B 224 -17.35 29.24 -42.13
N GLU B 225 -16.04 29.03 -42.24
CA GLU B 225 -15.18 29.91 -42.99
C GLU B 225 -15.31 29.66 -44.49
N SER B 226 -14.52 30.39 -45.28
CA SER B 226 -14.59 30.28 -46.73
C SER B 226 -13.95 28.97 -47.19
N HIS B 227 -14.77 28.08 -47.72
CA HIS B 227 -14.31 26.80 -48.20
C HIS B 227 -13.55 26.96 -49.52
N PRO B 228 -12.71 25.97 -49.88
CA PRO B 228 -12.12 25.98 -51.24
C PRO B 228 -13.14 25.94 -52.35
N ASN B 229 -14.28 25.27 -52.16
CA ASN B 229 -15.38 25.31 -53.12
C ASN B 229 -16.33 26.48 -52.89
N ALA B 230 -16.13 27.24 -51.80
CA ALA B 230 -16.72 28.54 -51.52
C ALA B 230 -18.25 28.54 -51.39
N THR B 231 -18.87 27.39 -51.19
CA THR B 231 -20.30 27.33 -50.94
C THR B 231 -20.53 27.31 -49.44
N PHE B 232 -21.65 27.90 -49.00
CA PHE B 232 -21.88 28.19 -47.58
C PHE B 232 -22.05 26.91 -46.76
N SER B 233 -21.39 26.89 -45.61
CA SER B 233 -21.45 25.78 -44.67
C SER B 233 -21.63 26.33 -43.26
N ALA B 234 -22.11 25.48 -42.36
CA ALA B 234 -22.35 25.90 -40.99
C ALA B 234 -22.09 24.74 -40.04
N VAL B 235 -21.68 25.09 -38.82
CA VAL B 235 -21.48 24.13 -37.73
C VAL B 235 -22.37 24.56 -36.59
N GLY B 236 -23.45 23.82 -36.36
CA GLY B 236 -24.35 24.13 -35.26
C GLY B 236 -24.25 23.16 -34.10
N GLU B 237 -23.60 23.58 -33.02
CA GLU B 237 -23.34 22.73 -31.88
C GLU B 237 -24.21 23.17 -30.70
N ALA B 238 -24.86 22.21 -30.05
CA ALA B 238 -25.59 22.46 -28.82
C ALA B 238 -25.10 21.47 -27.77
N SER B 239 -24.47 22.00 -26.72
CA SER B 239 -23.87 21.16 -25.68
C SER B 239 -24.92 20.80 -24.65
N ILE B 240 -25.77 19.83 -25.00
CA ILE B 240 -26.65 19.21 -24.02
C ILE B 240 -25.81 18.34 -23.10
N CYS B 241 -26.23 18.23 -21.84
CA CYS B 241 -25.43 17.55 -20.84
C CYS B 241 -25.59 16.03 -20.95
N GLU B 242 -24.94 15.32 -20.02
CA GLU B 242 -24.79 13.87 -20.14
C GLU B 242 -26.08 13.11 -19.86
N ASP B 243 -27.05 13.73 -19.20
CA ASP B 243 -28.29 13.02 -18.85
C ASP B 243 -29.14 12.76 -20.08
N ASP B 244 -29.19 13.70 -21.02
CA ASP B 244 -29.99 13.54 -22.23
C ASP B 244 -29.43 12.45 -23.13
N TRP B 245 -28.10 12.40 -23.26
CA TRP B 245 -27.48 11.36 -24.07
C TRP B 245 -27.48 10.01 -23.36
N ASN B 246 -27.39 10.00 -22.03
CA ASN B 246 -27.41 8.75 -21.29
C ASN B 246 -28.82 8.16 -21.20
N SER B 247 -29.85 9.00 -21.30
CA SER B 247 -31.22 8.51 -21.23
C SER B 247 -31.64 7.79 -22.51
N GLY B 248 -30.93 8.00 -23.62
CA GLY B 248 -31.27 7.37 -24.88
C GLY B 248 -32.45 8.03 -25.56
N GLU B 249 -32.33 9.33 -25.82
CA GLU B 249 -33.37 10.10 -26.49
C GLU B 249 -32.84 10.59 -27.82
N ARG B 250 -33.55 10.29 -28.89
CA ARG B 250 -33.09 10.64 -30.23
C ARG B 250 -33.31 12.12 -30.51
N PHE B 251 -32.44 12.68 -31.34
CA PHE B 251 -32.45 14.10 -31.67
C PHE B 251 -32.48 14.28 -33.18
N THR B 252 -32.74 15.51 -33.61
CA THR B 252 -32.84 15.85 -35.03
C THR B 252 -32.69 17.35 -35.17
N CYS B 253 -31.76 17.80 -36.02
CA CYS B 253 -31.59 19.22 -36.27
C CYS B 253 -32.47 19.61 -37.46
N THR B 254 -33.51 20.41 -37.19
CA THR B 254 -34.43 20.86 -38.22
C THR B 254 -33.73 21.95 -39.02
N VAL B 255 -32.98 21.54 -40.03
CA VAL B 255 -32.30 22.50 -40.88
C VAL B 255 -33.32 23.11 -41.86
N THR B 256 -33.74 24.33 -41.54
CA THR B 256 -34.80 24.99 -42.29
C THR B 256 -34.22 25.61 -43.55
N HIS B 257 -34.73 25.18 -44.71
CA HIS B 257 -34.22 25.61 -46.00
C HIS B 257 -35.22 26.58 -46.62
N THR B 258 -34.79 27.83 -46.80
CA THR B 258 -35.54 28.78 -47.61
C THR B 258 -35.00 28.79 -49.05
N ASP B 259 -33.68 28.82 -49.20
CA ASP B 259 -33.04 28.58 -50.47
C ASP B 259 -32.83 27.08 -50.64
N LEU B 260 -33.29 26.55 -51.80
CA LEU B 260 -33.46 25.12 -52.09
C LEU B 260 -34.28 24.48 -50.98
N PRO B 261 -35.60 24.75 -50.93
CA PRO B 261 -36.42 24.39 -49.76
C PRO B 261 -36.78 22.91 -49.64
N SER B 262 -35.79 22.11 -49.25
CA SER B 262 -35.98 20.70 -48.95
C SER B 262 -35.52 20.45 -47.52
N PRO B 263 -36.43 20.34 -46.55
CA PRO B 263 -36.01 20.13 -45.16
C PRO B 263 -35.45 18.73 -44.95
N LEU B 264 -34.35 18.67 -44.20
CA LEU B 264 -33.64 17.42 -43.92
C LEU B 264 -33.77 17.12 -42.43
N LYS B 265 -34.31 15.94 -42.12
CA LYS B 265 -34.45 15.49 -40.74
C LYS B 265 -33.32 14.50 -40.41
N GLN B 266 -32.13 15.06 -40.21
CA GLN B 266 -30.96 14.25 -39.90
C GLN B 266 -31.04 13.78 -38.45
N THR B 267 -31.39 12.52 -38.25
CA THR B 267 -31.65 11.96 -36.94
C THR B 267 -30.36 11.43 -36.33
N ILE B 268 -30.33 11.36 -35.00
CA ILE B 268 -29.15 10.95 -34.24
C ILE B 268 -29.62 10.34 -32.93
N SER B 269 -29.06 9.20 -32.55
CA SER B 269 -29.40 8.58 -31.28
C SER B 269 -28.22 7.77 -30.78
N ARG B 270 -28.22 7.52 -29.48
CA ARG B 270 -27.16 6.75 -28.85
C ARG B 270 -27.31 5.27 -29.17
N PRO B 271 -26.22 4.50 -29.13
CA PRO B 271 -26.35 3.04 -29.24
C PRO B 271 -26.98 2.45 -27.99
N LYS B 272 -28.17 1.87 -28.15
CA LYS B 272 -28.93 1.34 -27.03
C LYS B 272 -28.76 -0.17 -26.95
N GLY B 273 -28.41 -0.66 -25.76
CA GLY B 273 -28.35 -2.09 -25.53
C GLY B 273 -27.14 -2.79 -26.07
N VAL B 274 -26.08 -2.07 -26.43
CA VAL B 274 -24.85 -2.71 -26.87
C VAL B 274 -24.11 -3.32 -25.69
N ALA B 275 -23.26 -4.28 -25.98
CA ALA B 275 -22.56 -5.02 -24.93
C ALA B 275 -21.39 -4.20 -24.39
N LEU B 276 -20.72 -4.77 -23.39
CA LEU B 276 -19.58 -4.13 -22.75
C LEU B 276 -18.48 -5.16 -22.53
N HIS B 277 -17.37 -5.01 -23.22
CA HIS B 277 -16.22 -5.87 -23.05
C HIS B 277 -14.97 -5.02 -22.87
N ARG B 278 -14.11 -5.46 -21.95
CA ARG B 278 -12.94 -4.67 -21.56
C ARG B 278 -11.92 -4.62 -22.68
N PRO B 279 -11.37 -3.44 -23.00
CA PRO B 279 -10.29 -3.38 -23.99
C PRO B 279 -9.01 -3.96 -23.43
N ASP B 280 -8.51 -4.99 -24.09
CA ASP B 280 -7.20 -5.56 -23.76
C ASP B 280 -6.18 -4.78 -24.59
N VAL B 281 -5.70 -3.69 -24.01
CA VAL B 281 -4.75 -2.83 -24.70
C VAL B 281 -3.35 -3.42 -24.56
N TYR B 282 -2.61 -3.47 -25.68
CA TYR B 282 -1.22 -3.90 -25.70
C TYR B 282 -0.38 -2.82 -26.38
N LEU B 283 0.89 -2.76 -25.99
CA LEU B 283 1.82 -1.79 -26.54
C LEU B 283 2.91 -2.51 -27.31
N LEU B 284 2.98 -2.26 -28.61
CA LEU B 284 3.98 -2.88 -29.46
C LEU B 284 5.11 -1.90 -29.71
N PRO B 285 6.34 -2.23 -29.32
CA PRO B 285 7.49 -1.36 -29.64
C PRO B 285 7.78 -1.38 -31.13
N PRO B 286 8.51 -0.39 -31.65
CA PRO B 286 8.87 -0.41 -33.07
C PRO B 286 9.76 -1.58 -33.43
N ALA B 287 9.60 -2.09 -34.64
CA ALA B 287 10.30 -3.27 -35.09
C ALA B 287 11.79 -3.00 -35.26
N ARG B 288 12.59 -4.03 -35.04
CA ARG B 288 14.04 -3.92 -35.22
C ARG B 288 14.41 -3.76 -36.69
N GLU B 289 13.54 -4.19 -37.60
CA GLU B 289 13.74 -3.88 -39.02
C GLU B 289 13.58 -2.39 -39.29
N GLN B 290 12.63 -1.75 -38.61
CA GLN B 290 12.36 -0.33 -38.85
C GLN B 290 13.43 0.57 -38.23
N LEU B 291 13.98 0.20 -37.08
CA LEU B 291 14.98 1.01 -36.41
C LEU B 291 16.30 1.07 -37.16
N ASN B 292 16.56 0.12 -38.06
CA ASN B 292 17.81 0.11 -38.80
C ASN B 292 17.88 1.18 -39.88
N LEU B 293 16.75 1.81 -40.23
CA LEU B 293 16.74 2.94 -41.16
C LEU B 293 17.01 4.26 -40.47
N ARG B 294 17.20 4.25 -39.15
CA ARG B 294 17.64 5.35 -38.28
C ARG B 294 16.64 6.50 -38.16
N GLU B 295 15.48 6.43 -38.80
CA GLU B 295 14.45 7.47 -38.66
C GLU B 295 13.09 6.81 -38.52
N SER B 296 12.17 7.58 -37.91
CA SER B 296 10.72 7.34 -37.92
C SER B 296 10.35 5.99 -37.29
N ALA B 297 10.60 5.91 -35.99
CA ALA B 297 10.14 4.76 -35.23
C ALA B 297 8.64 4.88 -34.98
N THR B 298 7.90 3.81 -35.31
CA THR B 298 6.45 3.80 -35.15
C THR B 298 6.08 2.87 -34.01
N ILE B 299 5.48 3.44 -32.96
CA ILE B 299 5.00 2.68 -31.81
C ILE B 299 3.49 2.49 -31.98
N THR B 300 3.03 1.25 -31.82
CA THR B 300 1.63 0.92 -32.07
C THR B 300 0.96 0.58 -30.74
N CYS B 301 -0.14 1.28 -30.45
CA CYS B 301 -0.99 0.96 -29.30
C CYS B 301 -2.16 0.14 -29.82
N LEU B 302 -2.04 -1.17 -29.72
CA LEU B 302 -3.10 -2.07 -30.19
C LEU B 302 -4.16 -2.14 -29.11
N VAL B 303 -5.26 -1.42 -29.31
CA VAL B 303 -6.41 -1.48 -28.42
C VAL B 303 -7.41 -2.42 -29.06
N THR B 304 -7.69 -3.55 -28.42
CA THR B 304 -8.57 -4.55 -28.99
C THR B 304 -9.49 -5.12 -27.93
N GLY B 305 -10.65 -5.59 -28.37
CA GLY B 305 -11.59 -6.26 -27.49
C GLY B 305 -12.63 -5.39 -26.83
N PHE B 306 -12.96 -4.24 -27.42
CA PHE B 306 -13.94 -3.34 -26.84
C PHE B 306 -15.24 -3.38 -27.64
N SER B 307 -16.36 -3.56 -26.93
CA SER B 307 -17.65 -3.82 -27.56
C SER B 307 -18.45 -2.59 -28.02
N PRO B 308 -18.58 -1.47 -27.28
CA PRO B 308 -19.35 -0.34 -27.85
C PRO B 308 -18.66 0.42 -28.97
N ALA B 309 -17.43 0.06 -29.33
CA ALA B 309 -16.70 0.54 -30.51
C ALA B 309 -16.45 2.05 -30.49
N ASP B 310 -16.36 2.65 -29.31
CA ASP B 310 -15.99 4.05 -29.19
C ASP B 310 -14.79 4.13 -28.26
N VAL B 311 -13.62 4.44 -28.82
CA VAL B 311 -12.37 4.42 -28.08
C VAL B 311 -11.65 5.75 -28.32
N PHE B 312 -10.96 6.22 -27.29
CA PHE B 312 -10.15 7.42 -27.37
C PHE B 312 -8.74 7.07 -26.90
N VAL B 313 -7.75 7.34 -27.74
CA VAL B 313 -6.36 6.99 -27.47
C VAL B 313 -5.53 8.26 -27.52
N GLN B 314 -4.80 8.52 -26.43
CA GLN B 314 -3.91 9.67 -26.33
C GLN B 314 -2.52 9.18 -25.96
N TRP B 315 -1.52 9.64 -26.70
CA TRP B 315 -0.13 9.30 -26.43
C TRP B 315 0.48 10.40 -25.57
N MET B 316 1.18 10.02 -24.51
CA MET B 316 1.74 11.00 -23.58
C MET B 316 3.23 10.76 -23.37
N GLN B 317 3.95 11.86 -23.16
CA GLN B 317 5.38 11.87 -22.87
C GLN B 317 5.59 12.40 -21.47
N ARG B 318 6.09 11.54 -20.57
CA ARG B 318 6.43 11.87 -19.18
C ARG B 318 5.24 12.44 -18.41
N GLY B 319 4.03 11.98 -18.72
CA GLY B 319 2.83 12.55 -18.14
C GLY B 319 2.28 13.76 -18.86
N GLN B 320 2.98 14.27 -19.89
CA GLN B 320 2.50 15.37 -20.70
C GLN B 320 2.03 14.85 -22.04
N PRO B 321 0.86 15.26 -22.52
CA PRO B 321 0.32 14.70 -23.76
C PRO B 321 1.08 15.17 -24.99
N LEU B 322 1.16 14.28 -25.98
CA LEU B 322 1.84 14.58 -27.23
C LEU B 322 0.92 15.40 -28.14
N SER B 323 1.51 15.87 -29.24
CA SER B 323 0.74 16.58 -30.24
C SER B 323 -0.20 15.63 -30.96
N PRO B 324 -1.39 16.08 -31.35
CA PRO B 324 -2.31 15.19 -32.07
C PRO B 324 -1.86 14.82 -33.47
N GLU B 325 -0.91 15.58 -34.05
CA GLU B 325 -0.35 15.22 -35.35
C GLU B 325 0.76 14.17 -35.24
N LYS B 326 1.25 13.88 -34.04
CA LYS B 326 2.32 12.90 -33.89
C LYS B 326 1.81 11.48 -34.03
N TYR B 327 0.54 11.24 -33.71
CA TYR B 327 -0.04 9.90 -33.82
C TYR B 327 -1.31 9.96 -34.65
N VAL B 328 -1.62 8.84 -35.29
CA VAL B 328 -2.89 8.65 -35.97
C VAL B 328 -3.58 7.43 -35.36
N THR B 329 -4.81 7.62 -34.89
CA THR B 329 -5.60 6.56 -34.32
C THR B 329 -6.61 6.12 -35.38
N SER B 330 -6.59 4.83 -35.73
CA SER B 330 -7.51 4.31 -36.71
C SER B 330 -8.92 4.25 -36.15
N ALA B 331 -9.90 4.26 -37.04
CA ALA B 331 -11.28 4.08 -36.64
C ALA B 331 -11.49 2.66 -36.14
N PRO B 332 -12.37 2.43 -35.17
CA PRO B 332 -12.56 1.07 -34.65
C PRO B 332 -13.22 0.14 -35.65
N MET B 333 -12.42 -0.74 -36.26
CA MET B 333 -12.91 -1.76 -37.15
C MET B 333 -13.31 -2.99 -36.35
N PRO B 334 -14.24 -3.80 -36.86
CA PRO B 334 -14.62 -5.03 -36.14
C PRO B 334 -13.49 -6.03 -36.10
N GLU B 335 -13.46 -6.80 -35.01
CA GLU B 335 -12.45 -7.83 -34.86
C GLU B 335 -12.74 -8.98 -35.83
N PRO B 336 -11.72 -9.52 -36.49
CA PRO B 336 -11.96 -10.62 -37.46
C PRO B 336 -12.44 -11.91 -36.82
N GLN B 337 -11.75 -12.36 -35.76
CA GLN B 337 -12.13 -13.62 -35.14
C GLN B 337 -13.34 -13.47 -34.24
N ALA B 338 -13.29 -12.54 -33.28
CA ALA B 338 -14.41 -12.32 -32.37
C ALA B 338 -15.44 -11.42 -33.04
N PRO B 339 -16.70 -11.84 -33.13
CA PRO B 339 -17.69 -11.00 -33.83
C PRO B 339 -18.12 -9.77 -33.05
N GLY B 340 -18.35 -9.90 -31.74
CA GLY B 340 -18.88 -8.78 -30.97
C GLY B 340 -17.87 -7.70 -30.64
N ARG B 341 -16.60 -8.08 -30.49
CA ARG B 341 -15.58 -7.12 -30.08
C ARG B 341 -15.04 -6.37 -31.29
N TYR B 342 -14.34 -5.27 -31.01
CA TYR B 342 -13.71 -4.45 -32.03
C TYR B 342 -12.26 -4.19 -31.64
N PHE B 343 -11.53 -3.52 -32.54
CA PHE B 343 -10.13 -3.21 -32.32
C PHE B 343 -9.80 -1.89 -33.01
N ALA B 344 -8.75 -1.23 -32.52
CA ALA B 344 -8.33 0.05 -33.08
C ALA B 344 -6.85 0.26 -32.82
N HIS B 345 -6.12 0.57 -33.89
CA HIS B 345 -4.69 0.83 -33.83
C HIS B 345 -4.42 2.25 -33.33
N SER B 346 -3.15 2.52 -33.06
CA SER B 346 -2.68 3.88 -32.78
C SER B 346 -1.20 3.95 -33.15
N ILE B 347 -0.91 4.44 -34.35
CA ILE B 347 0.46 4.51 -34.84
C ILE B 347 1.04 5.84 -34.44
N LEU B 348 1.97 5.84 -33.48
CA LEU B 348 2.70 7.04 -33.09
C LEU B 348 4.06 7.01 -33.75
N THR B 349 4.31 7.97 -34.64
CA THR B 349 5.59 8.06 -35.32
C THR B 349 6.51 9.06 -34.62
N VAL B 350 7.64 8.57 -34.14
CA VAL B 350 8.63 9.39 -33.43
C VAL B 350 9.99 9.11 -34.03
N SER B 351 10.93 10.02 -33.75
CA SER B 351 12.29 9.88 -34.23
C SER B 351 12.98 8.70 -33.57
N GLU B 352 13.83 8.02 -34.34
CA GLU B 352 14.53 6.84 -33.84
C GLU B 352 15.56 7.21 -32.78
N GLU B 353 16.16 8.41 -32.87
CA GLU B 353 17.05 8.87 -31.83
C GLU B 353 16.31 9.15 -30.53
N GLU B 354 15.02 9.50 -30.62
CA GLU B 354 14.22 9.66 -29.41
C GLU B 354 13.97 8.31 -28.74
N TRP B 355 13.65 7.28 -29.52
CA TRP B 355 13.38 5.97 -28.92
C TRP B 355 14.64 5.26 -28.47
N ASN B 356 15.78 5.57 -29.08
CA ASN B 356 17.02 4.87 -28.74
C ASN B 356 17.65 5.35 -27.45
N THR B 357 17.17 6.46 -26.88
CA THR B 357 17.63 6.91 -25.57
C THR B 357 16.85 6.30 -24.43
N GLY B 358 15.93 5.37 -24.72
CA GLY B 358 15.08 4.81 -23.68
C GLY B 358 14.01 5.75 -23.20
N GLU B 359 13.51 6.62 -24.07
CA GLU B 359 12.46 7.56 -23.68
C GLU B 359 11.15 6.83 -23.50
N THR B 360 10.46 7.11 -22.39
CA THR B 360 9.25 6.39 -22.05
C THR B 360 8.07 6.98 -22.80
N TYR B 361 7.34 6.12 -23.51
CA TYR B 361 6.14 6.49 -24.24
C TYR B 361 4.94 5.83 -23.59
N THR B 362 3.92 6.62 -23.28
CA THR B 362 2.75 6.15 -22.56
C THR B 362 1.50 6.33 -23.42
N CYS B 363 0.73 5.24 -23.56
CA CYS B 363 -0.50 5.25 -24.34
C CYS B 363 -1.68 5.25 -23.38
N VAL B 364 -2.40 6.37 -23.33
CA VAL B 364 -3.59 6.51 -22.50
C VAL B 364 -4.79 6.16 -23.37
N VAL B 365 -5.55 5.15 -22.96
CA VAL B 365 -6.73 4.70 -23.68
C VAL B 365 -7.92 4.73 -22.74
N ALA B 366 -9.01 5.36 -23.17
CA ALA B 366 -10.19 5.54 -22.34
C ALA B 366 -11.39 4.87 -23.01
N HIS B 367 -12.18 4.16 -22.21
CA HIS B 367 -13.30 3.38 -22.73
C HIS B 367 -14.28 3.12 -21.60
N GLU B 368 -15.52 2.80 -21.97
CA GLU B 368 -16.60 2.61 -20.99
C GLU B 368 -16.34 1.40 -20.09
N ALA B 369 -15.87 0.30 -20.66
CA ALA B 369 -15.84 -0.97 -19.97
C ALA B 369 -14.69 -1.09 -18.97
N LEU B 370 -13.76 -0.15 -18.96
CA LEU B 370 -12.66 -0.21 -18.03
C LEU B 370 -13.13 0.18 -16.62
N PRO B 371 -12.50 -0.40 -15.56
CA PRO B 371 -12.93 -0.10 -14.19
C PRO B 371 -12.69 1.34 -13.78
N ASN B 372 -11.45 1.81 -13.95
CA ASN B 372 -11.11 3.20 -13.67
C ASN B 372 -11.24 4.10 -14.90
N ARG B 373 -11.77 3.55 -16.00
CA ARG B 373 -12.13 4.19 -17.26
C ARG B 373 -10.95 4.66 -18.09
N VAL B 374 -9.71 4.55 -17.60
CA VAL B 374 -8.51 4.94 -18.34
C VAL B 374 -7.43 3.89 -18.06
N THR B 375 -6.78 3.40 -19.12
CA THR B 375 -5.65 2.50 -19.00
C THR B 375 -4.40 3.17 -19.55
N GLU B 376 -3.31 3.06 -18.82
CA GLU B 376 -2.02 3.61 -19.23
C GLU B 376 -1.02 2.48 -19.35
N ARG B 377 -0.47 2.29 -20.54
CA ARG B 377 0.62 1.37 -20.78
C ARG B 377 1.87 2.15 -21.15
N THR B 378 3.01 1.75 -20.61
CA THR B 378 4.28 2.43 -20.83
C THR B 378 5.19 1.54 -21.66
N VAL B 379 5.99 2.16 -22.54
CA VAL B 379 7.01 1.44 -23.29
C VAL B 379 8.23 2.34 -23.45
N ASP B 380 9.41 1.73 -23.37
CA ASP B 380 10.67 2.32 -23.78
C ASP B 380 11.60 1.17 -24.18
N LYS B 381 12.89 1.47 -24.33
CA LYS B 381 13.82 0.43 -24.71
C LYS B 381 14.14 -0.50 -23.54
N SER B 382 13.93 -0.07 -22.30
CA SER B 382 14.10 -0.96 -21.17
C SER B 382 12.95 -1.93 -21.02
N THR B 383 11.72 -1.48 -21.33
CA THR B 383 10.54 -2.33 -21.23
C THR B 383 10.51 -3.40 -22.31
N GLY B 384 11.15 -3.15 -23.45
CA GLY B 384 11.11 -4.07 -24.57
C GLY B 384 11.83 -5.38 -24.30
N LYS B 385 11.76 -6.27 -25.29
CA LYS B 385 12.23 -7.65 -25.14
C LYS B 385 13.75 -7.68 -24.96
N PRO B 386 14.25 -8.27 -23.88
CA PRO B 386 15.70 -8.21 -23.60
C PRO B 386 16.45 -9.19 -24.48
N THR B 387 17.55 -8.73 -25.06
CA THR B 387 18.39 -9.56 -25.90
C THR B 387 19.39 -10.39 -25.12
N LEU B 388 19.58 -10.11 -23.83
CA LEU B 388 20.46 -10.92 -22.99
C LEU B 388 19.97 -10.83 -21.56
N TYR B 389 19.57 -11.97 -21.00
CA TYR B 389 19.16 -12.02 -19.61
C TYR B 389 20.37 -12.23 -18.72
N ASN B 390 20.23 -11.86 -17.45
CA ASN B 390 21.32 -11.87 -16.49
C ASN B 390 20.85 -12.48 -15.18
N VAL B 391 20.22 -13.65 -15.28
CA VAL B 391 19.55 -14.26 -14.14
C VAL B 391 20.58 -14.77 -13.13
N SER B 392 20.41 -14.36 -11.87
CA SER B 392 21.22 -14.84 -10.77
C SER B 392 20.31 -15.36 -9.69
N LEU B 393 20.49 -16.63 -9.31
CA LEU B 393 19.65 -17.28 -8.30
C LEU B 393 20.53 -17.60 -7.09
N VAL B 394 20.59 -16.66 -6.15
CA VAL B 394 21.41 -16.83 -4.94
C VAL B 394 20.68 -17.79 -4.01
N MET B 395 21.29 -18.95 -3.77
CA MET B 395 20.69 -20.01 -2.96
C MET B 395 21.35 -19.98 -1.58
N SER B 396 20.82 -19.10 -0.73
CA SER B 396 21.38 -18.87 0.60
C SER B 396 20.44 -19.43 1.66
N ASP B 397 21.01 -20.16 2.61
CA ASP B 397 20.24 -20.80 3.67
C ASP B 397 20.10 -19.94 4.92
N THR B 398 20.65 -18.73 4.92
CA THR B 398 20.63 -17.89 6.10
C THR B 398 19.77 -16.63 5.96
N ALA B 399 19.44 -16.23 4.74
CA ALA B 399 18.66 -15.01 4.52
C ALA B 399 17.18 -15.36 4.56
N GLY B 400 16.63 -15.38 5.77
CA GLY B 400 15.19 -15.52 5.91
C GLY B 400 14.44 -14.30 5.41
N THR B 401 14.96 -13.11 5.70
CA THR B 401 14.40 -11.87 5.19
C THR B 401 15.02 -11.57 3.83
N CYS B 402 14.71 -10.40 3.28
CA CYS B 402 15.23 -10.01 1.97
C CYS B 402 16.33 -8.97 2.14
N TYR B 403 17.25 -8.96 1.19
CA TYR B 403 18.40 -8.06 1.22
C TYR B 403 17.98 -6.62 0.92
N PRO C 145 -12.16 44.93 -13.97
CA PRO C 145 -12.10 44.21 -15.23
C PRO C 145 -11.14 43.09 -15.07
N VAL C 146 -10.95 42.66 -13.84
CA VAL C 146 -9.96 41.63 -13.58
C VAL C 146 -10.47 40.83 -12.41
N PRO C 147 -10.03 39.57 -12.31
CA PRO C 147 -10.39 38.79 -11.13
C PRO C 147 -10.14 39.51 -9.84
N GLU C 148 -11.12 39.52 -8.95
CA GLU C 148 -10.95 40.13 -7.66
C GLU C 148 -11.38 39.08 -6.69
N GLY C 149 -10.78 37.92 -6.79
CA GLY C 149 -11.11 36.79 -5.94
C GLY C 149 -12.25 35.96 -6.50
N VAL C 150 -12.09 34.64 -6.49
CA VAL C 150 -13.09 33.75 -7.05
C VAL C 150 -13.67 32.89 -5.94
N ARG C 151 -14.69 32.09 -6.27
CA ARG C 151 -15.29 31.17 -5.32
C ARG C 151 -15.91 30.02 -6.10
N LEU C 152 -16.17 28.92 -5.39
CA LEU C 152 -16.75 27.72 -5.98
C LEU C 152 -18.02 27.41 -5.18
N ALA C 153 -19.14 28.02 -5.59
CA ALA C 153 -20.39 27.92 -4.86
C ALA C 153 -21.33 26.95 -5.57
N ASP C 154 -22.52 26.76 -4.96
CA ASP C 154 -23.59 25.90 -5.45
C ASP C 154 -23.12 24.46 -5.67
N GLY C 155 -22.29 23.97 -4.75
CA GLY C 155 -21.73 22.64 -4.87
C GLY C 155 -21.36 22.04 -3.53
N PRO C 156 -20.74 20.85 -3.55
CA PRO C 156 -20.42 20.16 -2.30
C PRO C 156 -19.23 20.75 -1.56
N GLY C 157 -19.43 21.93 -0.96
CA GLY C 157 -18.39 22.55 -0.16
C GLY C 157 -17.70 23.69 -0.89
N HIS C 158 -16.65 24.19 -0.24
CA HIS C 158 -15.89 25.31 -0.80
C HIS C 158 -14.85 24.85 -1.82
N CYS C 159 -14.59 23.55 -1.91
CA CYS C 159 -13.56 23.05 -2.82
C CYS C 159 -14.13 22.66 -4.18
N LYS C 160 -15.42 22.36 -4.25
CA LYS C 160 -16.07 21.96 -5.49
C LYS C 160 -17.30 22.81 -5.72
N GLY C 161 -17.54 23.18 -6.96
CA GLY C 161 -18.70 23.98 -7.30
C GLY C 161 -18.45 24.79 -8.56
N ARG C 162 -19.48 25.55 -8.95
CA ARG C 162 -19.41 26.40 -10.12
C ARG C 162 -18.43 27.54 -9.87
N VAL C 163 -17.49 27.75 -10.80
CA VAL C 163 -16.51 28.81 -10.62
C VAL C 163 -17.11 30.14 -11.04
N GLU C 164 -16.83 31.18 -10.26
CA GLU C 164 -17.25 32.54 -10.56
C GLU C 164 -16.06 33.47 -10.51
N VAL C 165 -16.28 34.78 -10.57
CA VAL C 165 -15.20 35.75 -10.50
C VAL C 165 -15.79 37.06 -10.00
N LYS C 166 -14.93 37.93 -9.47
CA LYS C 166 -15.33 39.22 -8.92
C LYS C 166 -14.61 40.35 -9.63
N HIS C 167 -15.34 41.42 -9.93
CA HIS C 167 -14.72 42.63 -10.48
C HIS C 167 -15.57 43.84 -10.08
N GLN C 168 -14.87 44.88 -9.57
CA GLN C 168 -15.42 46.07 -8.89
C GLN C 168 -16.71 45.81 -8.09
N ASN C 169 -16.66 44.77 -7.26
CA ASN C 169 -17.78 44.32 -6.41
C ASN C 169 -19.02 43.95 -7.23
N GLN C 170 -18.79 43.27 -8.35
CA GLN C 170 -19.83 42.46 -9.01
C GLN C 170 -19.31 41.04 -9.14
N TRP C 171 -20.13 40.07 -8.76
CA TRP C 171 -19.75 38.66 -8.85
C TRP C 171 -20.24 38.10 -10.18
N TYR C 172 -19.29 37.72 -11.02
CA TYR C 172 -19.55 37.27 -12.38
C TYR C 172 -19.22 35.79 -12.51
N THR C 173 -20.11 35.02 -13.14
CA THR C 173 -19.80 33.62 -13.37
C THR C 173 -18.93 33.48 -14.62
N VAL C 174 -18.21 32.36 -14.68
CA VAL C 174 -17.17 32.14 -15.68
C VAL C 174 -17.67 31.11 -16.70
N CYS C 175 -17.62 31.48 -17.97
CA CYS C 175 -17.94 30.59 -19.08
C CYS C 175 -16.95 30.86 -20.19
N GLN C 176 -16.27 29.81 -20.66
CA GLN C 176 -15.18 29.97 -21.61
C GLN C 176 -15.19 28.82 -22.62
N THR C 177 -14.63 29.10 -23.81
CA THR C 177 -14.35 28.03 -24.75
C THR C 177 -12.98 27.42 -24.46
N GLY C 178 -11.96 28.25 -24.32
CA GLY C 178 -10.66 27.75 -23.96
C GLY C 178 -10.53 27.65 -22.45
N TRP C 179 -10.81 26.45 -21.94
CA TRP C 179 -10.77 26.18 -20.52
C TRP C 179 -10.36 24.73 -20.32
N SER C 180 -9.35 24.53 -19.50
CA SER C 180 -8.76 23.21 -19.34
C SER C 180 -8.44 23.03 -17.86
N LEU C 181 -7.62 22.02 -17.56
CA LEU C 181 -7.15 21.81 -16.20
C LEU C 181 -6.12 22.85 -15.77
N ARG C 182 -5.57 23.63 -16.70
CA ARG C 182 -4.64 24.69 -16.33
C ARG C 182 -5.36 25.81 -15.58
N ALA C 183 -6.49 26.27 -16.12
CA ALA C 183 -7.29 27.28 -15.44
C ALA C 183 -7.88 26.73 -14.14
N ALA C 184 -8.18 25.44 -14.11
CA ALA C 184 -8.59 24.79 -12.87
C ALA C 184 -7.48 24.79 -11.84
N LYS C 185 -6.25 24.55 -12.26
CA LYS C 185 -5.11 24.57 -11.33
C LYS C 185 -4.89 25.97 -10.77
N VAL C 186 -5.07 27.00 -11.61
CA VAL C 186 -4.96 28.37 -11.13
C VAL C 186 -6.10 28.71 -10.17
N VAL C 187 -7.31 28.21 -10.46
CA VAL C 187 -8.48 28.51 -9.62
C VAL C 187 -8.36 27.83 -8.26
N CYS C 188 -7.96 26.55 -8.23
CA CYS C 188 -7.80 25.87 -6.95
C CYS C 188 -6.54 26.30 -6.20
N ARG C 189 -5.51 26.78 -6.91
CA ARG C 189 -4.33 27.28 -6.21
C ARG C 189 -4.57 28.65 -5.61
N GLN C 190 -5.37 29.50 -6.27
CA GLN C 190 -5.69 30.80 -5.72
C GLN C 190 -6.60 30.72 -4.51
N LEU C 191 -7.68 29.92 -4.60
CA LEU C 191 -8.73 29.98 -3.60
C LEU C 191 -8.30 29.31 -2.30
N GLY C 192 -7.51 28.24 -2.39
CA GLY C 192 -6.97 27.64 -1.19
C GLY C 192 -7.07 26.14 -1.11
N CYS C 193 -7.75 25.52 -2.08
CA CYS C 193 -7.87 24.07 -2.07
C CYS C 193 -6.57 23.43 -2.55
N GLY C 194 -6.50 22.11 -2.41
CA GLY C 194 -5.24 21.41 -2.63
C GLY C 194 -4.83 21.34 -4.08
N ARG C 195 -5.57 20.57 -4.89
CA ARG C 195 -5.17 20.33 -6.27
C ARG C 195 -6.39 20.13 -7.16
N ALA C 196 -6.34 20.66 -8.38
CA ALA C 196 -7.43 20.49 -9.32
C ALA C 196 -7.52 19.05 -9.80
N VAL C 197 -8.76 18.55 -9.92
CA VAL C 197 -9.01 17.17 -10.29
C VAL C 197 -9.83 17.06 -11.58
N LEU C 198 -10.98 17.73 -11.63
CA LEU C 198 -11.88 17.57 -12.76
C LEU C 198 -12.47 18.93 -13.08
N THR C 199 -12.81 19.14 -14.35
CA THR C 199 -13.49 20.35 -14.75
C THR C 199 -14.43 20.06 -15.90
N GLN C 200 -15.71 20.36 -15.70
CA GLN C 200 -16.71 20.19 -16.74
C GLN C 200 -17.12 21.53 -17.30
N LYS C 201 -17.99 21.51 -18.31
CA LYS C 201 -18.77 22.67 -18.73
C LYS C 201 -20.20 22.14 -18.79
N ARG C 202 -20.86 22.13 -17.64
CA ARG C 202 -22.06 21.33 -17.43
C ARG C 202 -23.32 22.15 -17.70
N CYS C 203 -24.41 21.42 -17.94
CA CYS C 203 -25.70 22.02 -18.24
C CYS C 203 -26.44 22.36 -16.95
N ASN C 204 -27.33 23.34 -17.06
CA ASN C 204 -28.24 23.72 -15.99
C ASN C 204 -29.47 24.37 -16.61
N LYS C 205 -30.48 24.63 -15.78
CA LYS C 205 -31.59 25.48 -16.21
C LYS C 205 -31.11 26.93 -16.20
N HIS C 206 -31.34 27.63 -17.31
CA HIS C 206 -30.78 28.96 -17.48
C HIS C 206 -31.46 30.01 -16.61
N ALA C 207 -32.67 29.72 -16.12
CA ALA C 207 -33.33 30.65 -15.20
C ALA C 207 -32.67 30.65 -13.83
N TYR C 208 -32.08 29.53 -13.43
CA TYR C 208 -31.43 29.43 -12.12
C TYR C 208 -29.97 29.79 -12.22
N GLY C 209 -29.53 30.63 -11.27
CA GLY C 209 -28.14 31.02 -11.14
C GLY C 209 -27.62 31.84 -12.30
N ARG C 210 -28.41 32.81 -12.76
CA ARG C 210 -28.02 33.66 -13.90
C ARG C 210 -27.30 34.88 -13.34
N LYS C 211 -26.13 34.64 -12.78
CA LYS C 211 -25.14 35.68 -12.59
C LYS C 211 -24.66 36.14 -13.96
N PRO C 212 -24.25 37.39 -14.13
CA PRO C 212 -23.73 37.77 -15.45
C PRO C 212 -22.34 37.29 -15.92
N ILE C 213 -22.31 36.90 -17.19
CA ILE C 213 -21.24 36.04 -17.69
C ILE C 213 -19.97 36.86 -17.86
N TRP C 214 -18.86 36.35 -17.31
CA TRP C 214 -17.57 37.00 -17.46
C TRP C 214 -17.12 36.98 -18.91
N LEU C 215 -17.27 38.13 -19.57
CA LEU C 215 -17.03 38.25 -21.01
C LEU C 215 -15.56 38.20 -21.38
N SER C 216 -14.67 38.66 -20.49
CA SER C 216 -13.24 38.56 -20.76
C SER C 216 -12.79 37.10 -20.66
N GLN C 217 -12.07 36.66 -21.68
CA GLN C 217 -11.62 35.29 -21.79
C GLN C 217 -10.15 35.20 -21.41
N MET C 218 -9.82 34.25 -20.54
CA MET C 218 -8.45 34.02 -20.13
C MET C 218 -7.98 32.65 -20.59
N SER C 219 -6.66 32.52 -20.72
CA SER C 219 -6.01 31.27 -21.09
C SER C 219 -4.86 31.07 -20.11
N CYS C 220 -5.13 30.38 -19.01
CA CYS C 220 -4.15 30.24 -17.95
C CYS C 220 -3.05 29.27 -18.35
N SER C 221 -1.81 29.60 -17.96
CA SER C 221 -0.66 28.78 -18.31
C SER C 221 -0.58 27.50 -17.48
N GLY C 222 -1.16 27.49 -16.27
CA GLY C 222 -1.21 26.31 -15.43
C GLY C 222 -0.51 26.49 -14.09
N ARG C 223 0.65 27.14 -14.08
CA ARG C 223 1.41 27.34 -12.84
C ARG C 223 1.21 28.75 -12.28
N GLU C 224 0.24 29.49 -12.79
CA GLU C 224 -0.06 30.80 -12.21
C GLU C 224 -0.75 30.63 -10.86
N ALA C 225 -0.33 31.46 -9.91
CA ALA C 225 -0.88 31.35 -8.56
C ALA C 225 -2.28 31.97 -8.47
N THR C 226 -2.52 33.04 -9.22
CA THR C 226 -3.75 33.81 -9.09
C THR C 226 -4.27 34.13 -10.49
N LEU C 227 -5.57 34.44 -10.59
CA LEU C 227 -6.14 34.87 -11.86
C LEU C 227 -5.71 36.28 -12.26
N GLN C 228 -5.04 37.02 -11.38
CA GLN C 228 -4.36 38.24 -11.82
C GLN C 228 -3.23 37.91 -12.78
N ASP C 229 -2.52 36.81 -12.52
CA ASP C 229 -1.44 36.37 -13.39
C ASP C 229 -1.94 35.78 -14.70
N CYS C 230 -3.19 35.36 -14.77
CA CYS C 230 -3.74 34.85 -16.02
C CYS C 230 -3.96 35.99 -17.00
N PRO C 231 -3.68 35.78 -18.30
CA PRO C 231 -3.89 36.85 -19.29
C PRO C 231 -5.36 37.11 -19.58
N SER C 232 -5.86 38.26 -19.13
CA SER C 232 -7.24 38.63 -19.35
C SER C 232 -7.30 39.87 -20.24
N GLY C 233 -6.52 39.84 -21.33
CA GLY C 233 -6.39 40.94 -22.26
C GLY C 233 -7.67 41.45 -22.92
N PRO C 234 -8.33 40.62 -23.73
CA PRO C 234 -9.54 41.09 -24.44
C PRO C 234 -10.69 41.38 -23.49
N TRP C 235 -11.16 42.62 -23.51
CA TRP C 235 -12.27 43.09 -22.68
C TRP C 235 -13.33 43.66 -23.62
N GLY C 236 -14.42 42.92 -23.80
CA GLY C 236 -15.49 43.39 -24.66
C GLY C 236 -16.07 42.31 -25.56
N LYS C 237 -15.22 41.37 -26.00
CA LYS C 237 -15.67 40.30 -26.88
C LYS C 237 -16.42 39.25 -26.07
N ASN C 238 -17.56 38.82 -26.60
CA ASN C 238 -18.37 37.79 -25.94
C ASN C 238 -17.95 36.42 -26.44
N THR C 239 -17.47 35.58 -25.52
CA THR C 239 -16.92 34.28 -25.87
C THR C 239 -17.79 33.12 -25.40
N CYS C 240 -18.76 33.35 -24.53
CA CYS C 240 -19.61 32.28 -24.01
C CYS C 240 -20.57 31.84 -25.10
N ASN C 241 -20.23 30.74 -25.78
CA ASN C 241 -21.00 30.30 -26.94
C ASN C 241 -22.34 29.69 -26.52
N HIS C 242 -22.36 28.93 -25.44
CA HIS C 242 -23.57 28.26 -24.99
C HIS C 242 -23.84 28.60 -23.54
N ASP C 243 -25.12 28.63 -23.17
CA ASP C 243 -25.56 29.07 -21.85
C ASP C 243 -25.32 27.97 -20.82
N GLU C 244 -24.04 27.78 -20.48
CA GLU C 244 -23.63 26.82 -19.48
C GLU C 244 -22.77 27.49 -18.42
N ASP C 245 -22.19 26.71 -17.52
CA ASP C 245 -21.28 27.22 -16.52
C ASP C 245 -20.20 26.18 -16.26
N THR C 246 -19.08 26.63 -15.71
CA THR C 246 -17.90 25.80 -15.52
C THR C 246 -17.88 25.24 -14.10
N TRP C 247 -17.74 23.92 -14.00
CA TRP C 247 -17.83 23.20 -12.73
C TRP C 247 -16.45 22.65 -12.40
N VAL C 248 -15.74 23.32 -11.51
CA VAL C 248 -14.39 22.92 -11.11
C VAL C 248 -14.49 22.14 -9.80
N GLU C 249 -13.84 20.99 -9.76
CA GLU C 249 -13.79 20.16 -8.56
C GLU C 249 -12.34 19.99 -8.16
N CYS C 250 -11.94 20.63 -7.07
CA CYS C 250 -10.59 20.55 -6.54
C CYS C 250 -10.52 19.47 -5.46
N GLU C 251 -9.29 19.06 -5.16
CA GLU C 251 -9.08 18.23 -3.97
C GLU C 251 -9.16 19.09 -2.72
N ASP C 252 -9.56 18.46 -1.62
CA ASP C 252 -9.55 19.12 -0.34
C ASP C 252 -8.11 19.36 0.12
N PRO C 253 -7.83 20.49 0.78
CA PRO C 253 -6.44 20.80 1.14
C PRO C 253 -5.92 19.87 2.23
N PHE C 254 -4.60 19.72 2.24
CA PHE C 254 -3.94 18.72 3.06
C PHE C 254 -3.95 19.15 4.52
N ASP C 255 -4.52 18.32 5.38
CA ASP C 255 -4.49 18.51 6.83
C ASP C 255 -3.83 17.28 7.44
N LEU C 256 -2.65 17.48 8.00
CA LEU C 256 -1.83 16.40 8.54
C LEU C 256 -1.75 16.57 10.05
N ARG C 257 -2.19 15.56 10.79
CA ARG C 257 -2.34 15.65 12.23
C ARG C 257 -1.61 14.52 12.93
N LEU C 258 -1.17 14.80 14.15
CA LEU C 258 -0.51 13.83 15.02
C LEU C 258 -1.47 13.49 16.15
N VAL C 259 -2.14 12.35 16.03
CA VAL C 259 -3.22 11.95 16.93
C VAL C 259 -2.73 10.82 17.82
N GLY C 260 -3.07 10.90 19.11
CA GLY C 260 -2.68 9.93 20.09
C GLY C 260 -1.69 10.44 21.12
N GLY C 261 -1.05 11.58 20.85
CA GLY C 261 -0.12 12.15 21.80
C GLY C 261 -0.81 12.81 22.98
N ASP C 262 0.01 13.23 23.94
CA ASP C 262 -0.51 13.85 25.17
C ASP C 262 -0.60 15.37 25.02
N ASN C 263 -1.35 15.78 23.99
CA ASN C 263 -1.67 17.16 23.61
C ASN C 263 -0.45 17.97 23.19
N LEU C 264 0.68 17.33 22.90
CA LEU C 264 1.77 18.00 22.20
C LEU C 264 1.68 17.65 20.71
N CYS C 265 2.71 18.00 19.95
CA CYS C 265 2.82 17.60 18.55
C CYS C 265 3.44 16.21 18.49
N SER C 266 2.64 15.23 18.87
CA SER C 266 3.07 13.83 18.92
C SER C 266 1.85 12.94 18.77
N GLY C 267 2.11 11.66 18.59
CA GLY C 267 1.08 10.68 18.34
C GLY C 267 1.26 10.01 16.99
N ARG C 268 0.32 9.13 16.67
CA ARG C 268 0.35 8.48 15.37
C ARG C 268 0.03 9.48 14.27
N LEU C 269 0.57 9.23 13.09
CA LEU C 269 0.43 10.17 11.99
C LEU C 269 -0.89 9.93 11.28
N GLU C 270 -1.67 10.99 11.10
CA GLU C 270 -2.95 10.91 10.41
C GLU C 270 -2.99 11.97 9.32
N VAL C 271 -3.53 11.59 8.16
CA VAL C 271 -3.62 12.48 7.00
C VAL C 271 -5.07 12.51 6.54
N LEU C 272 -5.40 13.56 5.80
CA LEU C 272 -6.75 13.76 5.27
C LEU C 272 -6.65 13.91 3.76
N HIS C 273 -7.17 12.92 3.02
CA HIS C 273 -7.09 12.96 1.56
C HIS C 273 -8.35 13.57 0.95
N LYS C 274 -9.50 12.91 1.12
CA LYS C 274 -10.75 13.41 0.56
C LYS C 274 -11.76 13.76 1.64
N GLY C 275 -12.16 12.79 2.46
CA GLY C 275 -13.04 13.08 3.58
C GLY C 275 -12.79 12.18 4.76
N VAL C 276 -11.75 11.36 4.68
CA VAL C 276 -11.46 10.34 5.68
C VAL C 276 -10.14 10.66 6.34
N TRP C 277 -10.13 10.70 7.66
CA TRP C 277 -8.90 10.82 8.44
C TRP C 277 -8.31 9.43 8.61
N GLY C 278 -7.15 9.20 8.00
CA GLY C 278 -6.53 7.89 8.04
C GLY C 278 -5.04 7.99 8.27
N SER C 279 -4.47 6.86 8.67
CA SER C 279 -3.05 6.78 9.00
C SER C 279 -2.22 6.50 7.76
N VAL C 280 -0.90 6.54 7.93
CA VAL C 280 0.03 6.20 6.87
C VAL C 280 0.88 5.03 7.34
N CYS C 281 1.57 4.39 6.40
CA CYS C 281 2.39 3.23 6.72
C CYS C 281 3.84 3.65 6.94
N ASP C 282 4.63 2.70 7.39
CA ASP C 282 5.99 3.03 7.72
C ASP C 282 6.91 2.22 6.91
N ASP C 283 6.43 1.68 5.81
CA ASP C 283 7.33 0.96 4.99
C ASP C 283 8.37 1.98 4.68
N ASN C 284 9.60 1.69 5.05
CA ASN C 284 10.70 2.60 4.84
C ASN C 284 10.42 3.96 5.41
N TRP C 285 10.41 4.02 6.73
CA TRP C 285 10.15 5.29 7.40
C TRP C 285 11.45 5.81 7.98
N GLY C 286 11.90 6.97 7.49
CA GLY C 286 13.18 7.53 7.85
C GLY C 286 13.07 8.85 8.57
N GLU C 287 14.21 9.54 8.68
CA GLU C 287 14.28 10.81 9.37
C GLU C 287 13.85 11.99 8.50
N LYS C 288 13.92 11.83 7.17
CA LYS C 288 13.57 12.93 6.27
C LYS C 288 12.07 13.22 6.32
N GLU C 289 11.25 12.18 6.20
CA GLU C 289 9.82 12.36 6.37
C GLU C 289 9.44 12.66 7.81
N ASP C 290 10.27 12.26 8.77
CA ASP C 290 10.06 12.64 10.16
C ASP C 290 10.17 14.15 10.35
N GLN C 291 11.23 14.75 9.82
CA GLN C 291 11.37 16.20 9.97
C GLN C 291 10.42 16.95 9.03
N VAL C 292 10.01 16.33 7.91
CA VAL C 292 9.00 16.94 7.05
C VAL C 292 7.66 17.01 7.77
N VAL C 293 7.27 15.94 8.46
CA VAL C 293 6.02 15.93 9.23
C VAL C 293 6.11 16.88 10.42
N CYS C 294 7.28 16.93 11.07
CA CYS C 294 7.46 17.85 12.19
C CYS C 294 7.44 19.30 11.76
N LYS C 295 7.91 19.61 10.55
CA LYS C 295 7.85 20.97 10.03
C LYS C 295 6.54 21.30 9.33
N GLN C 296 5.70 20.30 9.06
CA GLN C 296 4.39 20.59 8.49
C GLN C 296 3.47 21.24 9.51
N LEU C 297 3.51 20.77 10.76
CA LEU C 297 2.73 21.37 11.82
C LEU C 297 3.40 22.60 12.44
N GLY C 298 4.64 22.89 12.06
CA GLY C 298 5.39 23.98 12.65
C GLY C 298 5.73 23.76 14.12
N CYS C 299 6.18 22.56 14.46
CA CYS C 299 6.44 22.22 15.86
C CYS C 299 7.86 21.70 16.06
N GLY C 300 8.84 22.40 15.51
CA GLY C 300 10.23 22.04 15.72
C GLY C 300 10.66 20.85 14.89
N LYS C 301 11.77 20.25 15.31
CA LYS C 301 12.38 19.12 14.61
C LYS C 301 12.09 17.82 15.35
N SER C 302 12.46 16.71 14.73
CA SER C 302 12.24 15.40 15.32
C SER C 302 13.25 15.12 16.42
N LEU C 303 12.84 14.29 17.38
CA LEU C 303 13.70 13.90 18.48
C LEU C 303 14.37 12.55 18.26
N SER C 304 14.22 11.97 17.06
CA SER C 304 14.74 10.66 16.63
C SER C 304 14.34 9.54 17.60
N PRO C 305 13.08 9.12 17.60
CA PRO C 305 12.64 8.08 18.56
C PRO C 305 13.22 6.72 18.22
N SER C 306 13.28 5.88 19.24
CA SER C 306 13.86 4.53 19.14
C SER C 306 12.79 3.45 19.29
N PHE C 307 11.64 3.69 18.66
CA PHE C 307 10.49 2.77 18.48
C PHE C 307 9.68 2.50 19.74
N ARG C 308 10.16 2.93 20.91
CA ARG C 308 9.40 2.73 22.13
C ARG C 308 8.22 3.69 22.20
N ASP C 309 8.50 5.00 22.12
CA ASP C 309 7.45 6.00 22.04
C ASP C 309 6.69 5.93 20.72
N ARG C 310 7.30 5.37 19.66
CA ARG C 310 6.57 5.14 18.43
C ARG C 310 5.54 4.03 18.59
N LYS C 311 5.89 2.96 19.32
CA LYS C 311 4.97 1.85 19.52
C LYS C 311 3.88 2.21 20.53
N CYS C 312 4.24 2.94 21.59
CA CYS C 312 3.32 3.16 22.71
C CYS C 312 2.33 4.28 22.47
N TYR C 313 2.35 4.94 21.32
CA TYR C 313 1.51 6.12 21.07
C TYR C 313 0.38 5.82 20.10
N GLY C 314 -0.24 4.64 20.22
CA GLY C 314 -1.45 4.35 19.50
C GLY C 314 -1.29 3.34 18.39
N PRO C 315 -2.20 2.37 18.31
CA PRO C 315 -2.19 1.42 17.19
C PRO C 315 -2.75 2.01 15.92
N GLY C 316 -3.71 2.94 16.05
CA GLY C 316 -4.29 3.60 14.91
C GLY C 316 -5.45 2.85 14.31
N VAL C 317 -6.61 3.50 14.19
CA VAL C 317 -7.81 2.91 13.61
C VAL C 317 -8.23 3.76 12.43
N GLY C 318 -8.47 3.13 11.29
CA GLY C 318 -8.86 3.82 10.08
C GLY C 318 -8.14 3.28 8.86
N ARG C 319 -8.57 3.69 7.68
CA ARG C 319 -7.95 3.21 6.45
C ARG C 319 -6.55 3.80 6.29
N ILE C 320 -5.61 2.96 5.89
CA ILE C 320 -4.24 3.41 5.67
C ILE C 320 -4.19 4.13 4.33
N TRP C 321 -3.79 5.40 4.34
CA TRP C 321 -3.81 6.20 3.13
C TRP C 321 -2.51 6.10 2.34
N LEU C 322 -1.37 6.23 3.01
CA LEU C 322 -0.08 6.31 2.34
C LEU C 322 0.81 5.15 2.75
N ASP C 323 1.50 4.58 1.78
CA ASP C 323 2.50 3.54 1.99
C ASP C 323 3.75 3.93 1.22
N ASN C 324 4.91 3.52 1.77
CA ASN C 324 6.23 3.72 1.17
C ASN C 324 6.53 5.20 0.95
N VAL C 325 6.26 6.01 1.97
CA VAL C 325 6.43 7.46 1.88
C VAL C 325 7.93 7.76 1.89
N ARG C 326 8.47 8.14 0.74
CA ARG C 326 9.89 8.44 0.59
C ARG C 326 10.03 9.94 0.37
N CYS C 327 10.54 10.64 1.38
CA CYS C 327 10.68 12.08 1.34
C CYS C 327 12.10 12.47 0.93
N SER C 328 12.40 13.76 1.03
CA SER C 328 13.74 14.28 0.81
C SER C 328 14.19 15.27 1.87
N GLY C 329 13.28 15.77 2.71
CA GLY C 329 13.60 16.71 3.75
C GLY C 329 13.31 18.16 3.41
N GLU C 330 13.18 18.47 2.13
CA GLU C 330 12.94 19.85 1.68
C GLU C 330 11.49 20.09 1.28
N GLU C 331 10.65 19.07 1.27
CA GLU C 331 9.24 19.24 0.97
C GLU C 331 8.53 19.86 2.17
N GLN C 332 7.74 20.91 1.92
CA GLN C 332 7.04 21.59 3.00
C GLN C 332 5.80 20.84 3.47
N SER C 333 5.35 19.83 2.73
CA SER C 333 4.21 19.02 3.16
C SER C 333 4.39 17.61 2.61
N LEU C 334 3.66 16.67 3.22
CA LEU C 334 3.82 15.26 2.86
C LEU C 334 3.19 14.91 1.52
N GLU C 335 2.32 15.78 0.99
CA GLU C 335 1.74 15.52 -0.32
C GLU C 335 2.76 15.69 -1.43
N GLN C 336 3.74 16.58 -1.25
CA GLN C 336 4.78 16.75 -2.24
C GLN C 336 5.76 15.59 -2.28
N CYS C 337 5.90 14.86 -1.17
CA CYS C 337 6.76 13.68 -1.15
C CYS C 337 6.12 12.54 -1.92
N GLN C 338 6.94 11.78 -2.62
CA GLN C 338 6.45 10.63 -3.36
C GLN C 338 6.10 9.49 -2.40
N HIS C 339 5.14 8.67 -2.81
CA HIS C 339 4.66 7.55 -2.02
C HIS C 339 3.99 6.56 -2.96
N ARG C 340 3.23 5.62 -2.40
CA ARG C 340 2.33 4.81 -3.18
C ARG C 340 1.05 5.60 -3.45
N PHE C 341 0.09 4.97 -4.10
CA PHE C 341 -1.17 5.66 -4.38
C PHE C 341 -1.99 5.79 -3.10
N TRP C 342 -2.95 6.71 -3.14
CA TRP C 342 -3.73 7.08 -1.97
C TRP C 342 -4.67 5.94 -1.58
N GLY C 343 -4.38 5.29 -0.46
CA GLY C 343 -5.15 4.16 -0.01
C GLY C 343 -4.71 2.83 -0.55
N PHE C 344 -3.72 2.80 -1.45
CA PHE C 344 -3.22 1.56 -2.02
C PHE C 344 -1.95 1.17 -1.28
N HIS C 345 -2.15 0.54 -0.13
CA HIS C 345 -1.10 0.09 0.77
C HIS C 345 -0.96 -1.42 0.69
N ASP C 346 -0.09 -1.97 1.55
CA ASP C 346 0.00 -3.41 1.70
C ASP C 346 0.17 -3.81 3.17
N CYS C 347 -0.16 -2.92 4.10
CA CYS C 347 0.10 -3.13 5.52
C CYS C 347 -1.18 -2.96 6.31
N THR C 348 -1.22 -3.60 7.48
CA THR C 348 -2.37 -3.55 8.36
C THR C 348 -2.28 -2.35 9.28
N HIS C 349 -3.17 -2.28 10.27
CA HIS C 349 -3.16 -1.19 11.23
C HIS C 349 -2.03 -1.31 12.23
N GLN C 350 -1.57 -2.52 12.50
CA GLN C 350 -0.52 -2.75 13.48
C GLN C 350 0.85 -2.25 13.03
N GLU C 351 0.92 -1.89 11.73
CA GLU C 351 2.16 -1.36 11.13
C GLU C 351 2.03 0.13 10.99
N ASP C 352 1.40 0.77 11.96
CA ASP C 352 1.26 2.22 11.96
C ASP C 352 2.56 2.89 12.41
N VAL C 353 2.66 4.18 12.14
CA VAL C 353 3.86 4.95 12.45
C VAL C 353 3.46 6.21 13.22
N ALA C 354 4.16 6.46 14.33
CA ALA C 354 3.98 7.66 15.12
C ALA C 354 5.18 8.57 14.94
N VAL C 355 4.95 9.87 15.04
CA VAL C 355 5.98 10.89 14.90
C VAL C 355 6.03 11.70 16.17
N ILE C 356 7.22 11.82 16.76
CA ILE C 356 7.43 12.59 17.98
C ILE C 356 8.26 13.81 17.62
N CYS C 357 7.72 15.00 17.86
CA CYS C 357 8.44 16.24 17.59
C CYS C 357 8.75 16.96 18.90
N GLU D 26 23.31 3.36 -13.58
CA GLU D 26 22.41 3.87 -14.60
C GLU D 26 21.24 2.92 -14.81
N ARG D 27 21.32 1.74 -14.21
CA ARG D 27 20.27 0.75 -14.32
C ARG D 27 19.04 1.20 -13.51
N ILE D 28 17.87 1.01 -14.09
CA ILE D 28 16.62 1.29 -13.39
C ILE D 28 16.07 -0.02 -12.85
N VAL D 29 15.27 0.07 -11.80
CA VAL D 29 14.75 -1.09 -11.10
C VAL D 29 13.31 -1.28 -11.54
N LEU D 30 13.04 -2.40 -12.22
CA LEU D 30 11.69 -2.66 -12.71
C LEU D 30 10.77 -3.05 -11.56
N VAL D 31 11.09 -4.14 -10.86
CA VAL D 31 10.44 -4.48 -9.61
C VAL D 31 11.51 -4.69 -8.55
N ASP D 32 11.12 -4.47 -7.29
CA ASP D 32 11.99 -4.65 -6.13
C ASP D 32 11.20 -5.39 -5.07
N ASN D 33 10.59 -6.51 -5.46
CA ASN D 33 9.73 -7.30 -4.58
C ASN D 33 10.51 -7.83 -3.40
N LYS D 34 9.95 -7.64 -2.20
CA LYS D 34 10.69 -7.84 -0.96
C LYS D 34 10.20 -9.02 -0.14
N CYS D 35 9.07 -9.63 -0.49
CA CYS D 35 8.67 -10.86 0.18
C CYS D 35 8.81 -12.08 -0.71
N LYS D 36 8.78 -11.90 -2.03
CA LYS D 36 9.44 -12.80 -2.97
C LYS D 36 10.70 -12.08 -3.42
N CYS D 37 11.86 -12.56 -2.96
CA CYS D 37 13.12 -11.86 -3.19
C CYS D 37 13.46 -11.96 -4.67
N ALA D 38 13.21 -10.88 -5.41
CA ALA D 38 13.46 -10.84 -6.85
C ALA D 38 13.62 -9.38 -7.25
N ARG D 39 14.85 -9.00 -7.60
CA ARG D 39 15.16 -7.62 -7.96
C ARG D 39 15.41 -7.58 -9.47
N ILE D 40 14.37 -7.22 -10.22
CA ILE D 40 14.46 -7.17 -11.68
C ILE D 40 14.90 -5.78 -12.09
N THR D 41 16.08 -5.68 -12.69
CA THR D 41 16.59 -4.44 -13.24
C THR D 41 16.88 -4.63 -14.73
N SER D 42 16.79 -3.54 -15.48
CA SER D 42 17.10 -3.56 -16.90
C SER D 42 17.91 -2.33 -17.26
N ARG D 43 19.01 -2.53 -17.97
CA ARG D 43 19.87 -1.44 -18.39
C ARG D 43 20.17 -1.58 -19.87
N ILE D 44 20.13 -0.47 -20.59
CA ILE D 44 20.51 -0.43 -22.01
C ILE D 44 22.00 -0.10 -22.02
N ILE D 45 22.84 -1.12 -21.95
CA ILE D 45 24.27 -0.91 -21.93
C ILE D 45 24.76 -0.64 -23.35
N ARG D 46 25.42 0.50 -23.54
CA ARG D 46 25.85 0.96 -24.86
C ARG D 46 27.09 0.16 -25.24
N SER D 47 26.87 -0.95 -25.95
CA SER D 47 27.97 -1.83 -26.32
C SER D 47 28.82 -1.27 -27.45
N SER D 48 28.33 -0.25 -28.16
CA SER D 48 29.06 0.33 -29.28
C SER D 48 28.62 1.77 -29.46
N GLU D 49 29.29 2.48 -30.36
CA GLU D 49 28.87 3.82 -30.71
C GLU D 49 27.59 3.82 -31.55
N ASP D 50 27.33 2.72 -32.25
CA ASP D 50 26.07 2.57 -32.97
C ASP D 50 24.94 2.30 -31.97
N PRO D 51 23.86 3.07 -31.99
CA PRO D 51 22.83 2.93 -30.94
C PRO D 51 21.79 1.85 -31.23
N ASN D 52 22.06 0.94 -32.17
CA ASN D 52 21.12 -0.12 -32.48
C ASN D 52 21.52 -1.48 -31.93
N GLU D 53 22.81 -1.76 -31.81
CA GLU D 53 23.28 -3.04 -31.31
C GLU D 53 23.50 -3.04 -29.80
N ASP D 54 23.07 -1.98 -29.10
CA ASP D 54 23.14 -1.96 -27.65
C ASP D 54 22.14 -2.95 -27.07
N ILE D 55 22.63 -3.83 -26.21
CA ILE D 55 21.85 -4.95 -25.70
C ILE D 55 21.11 -4.52 -24.45
N VAL D 56 19.83 -4.91 -24.36
CA VAL D 56 18.99 -4.59 -23.22
C VAL D 56 19.14 -5.72 -22.21
N GLU D 57 19.88 -5.47 -21.14
CA GLU D 57 20.09 -6.47 -20.11
C GLU D 57 18.82 -6.66 -19.30
N ARG D 58 18.69 -7.85 -18.70
CA ARG D 58 17.58 -8.17 -17.80
C ARG D 58 18.17 -8.88 -16.59
N ASN D 59 18.58 -8.10 -15.59
CA ASN D 59 19.15 -8.67 -14.38
C ASN D 59 18.03 -9.11 -13.46
N ILE D 60 17.94 -10.42 -13.19
CA ILE D 60 16.95 -10.96 -12.27
C ILE D 60 17.74 -11.59 -11.13
N ARG D 61 17.90 -10.87 -10.03
CA ARG D 61 18.61 -11.37 -8.86
C ARG D 61 17.58 -11.91 -7.88
N ILE D 62 17.55 -13.23 -7.72
CA ILE D 62 16.59 -13.90 -6.87
C ILE D 62 17.34 -14.58 -5.73
N ILE D 63 16.99 -14.22 -4.50
CA ILE D 63 17.58 -14.83 -3.31
C ILE D 63 16.60 -15.86 -2.79
N VAL D 64 17.03 -17.11 -2.75
CA VAL D 64 16.15 -18.24 -2.46
C VAL D 64 16.41 -18.68 -1.02
N PRO D 65 15.44 -18.54 -0.11
CA PRO D 65 15.67 -18.96 1.28
C PRO D 65 15.54 -20.47 1.40
N LEU D 66 16.64 -21.13 1.74
CA LEU D 66 16.67 -22.57 1.85
C LEU D 66 16.14 -23.08 3.18
N ASN D 67 15.89 -22.19 4.14
CA ASN D 67 15.42 -22.58 5.47
C ASN D 67 14.04 -22.03 5.80
N ASN D 68 13.45 -21.23 4.91
CA ASN D 68 12.11 -20.73 5.12
C ASN D 68 11.08 -21.77 4.69
N ARG D 69 9.94 -21.78 5.36
CA ARG D 69 8.93 -22.79 5.13
C ARG D 69 7.91 -22.31 4.10
N GLU D 70 6.91 -23.17 3.83
CA GLU D 70 5.92 -22.87 2.80
C GLU D 70 5.00 -21.73 3.23
N ASN D 71 4.45 -21.82 4.43
CA ASN D 71 3.71 -20.72 5.03
C ASN D 71 4.64 -20.06 6.04
N ILE D 72 5.15 -18.87 5.67
CA ILE D 72 6.16 -18.20 6.49
C ILE D 72 5.58 -17.67 7.80
N SER D 73 4.27 -17.47 7.88
CA SER D 73 3.61 -17.09 9.12
C SER D 73 3.27 -18.30 9.98
N ASP D 74 3.55 -19.51 9.51
CA ASP D 74 3.31 -20.75 10.27
C ASP D 74 4.63 -21.40 10.61
N PRO D 75 5.08 -21.32 11.87
CA PRO D 75 6.27 -22.07 12.30
C PRO D 75 6.21 -23.56 12.03
N THR D 76 5.05 -24.19 12.16
CA THR D 76 4.91 -25.64 12.04
C THR D 76 4.69 -26.11 10.61
N SER D 77 4.76 -25.20 9.64
CA SER D 77 4.59 -25.56 8.24
C SER D 77 5.79 -26.38 7.76
N PRO D 78 5.59 -27.25 6.77
CA PRO D 78 6.73 -27.99 6.21
C PRO D 78 7.68 -27.08 5.45
N LEU D 79 8.94 -27.51 5.36
CA LEU D 79 9.97 -26.75 4.67
C LEU D 79 9.68 -26.68 3.18
N ARG D 80 9.89 -25.50 2.60
CA ARG D 80 9.59 -25.27 1.20
C ARG D 80 10.65 -25.91 0.32
N THR D 81 10.23 -26.82 -0.56
CA THR D 81 11.12 -27.49 -1.47
C THR D 81 11.04 -26.96 -2.90
N ARG D 82 9.89 -26.39 -3.28
CA ARG D 82 9.68 -25.90 -4.64
C ARG D 82 9.48 -24.39 -4.59
N PHE D 83 10.27 -23.67 -5.37
CA PHE D 83 10.20 -22.22 -5.47
C PHE D 83 9.84 -21.87 -6.91
N VAL D 84 8.67 -21.27 -7.11
CA VAL D 84 8.19 -20.95 -8.44
C VAL D 84 8.02 -19.43 -8.54
N TYR D 85 8.62 -18.85 -9.58
CA TYR D 85 8.67 -17.40 -9.76
C TYR D 85 8.05 -17.03 -11.11
N HIS D 86 6.73 -16.83 -11.13
CA HIS D 86 6.07 -16.28 -12.30
C HIS D 86 6.45 -14.82 -12.43
N LEU D 87 7.29 -14.51 -13.41
CA LEU D 87 7.76 -13.13 -13.57
C LEU D 87 6.72 -12.25 -14.23
N SER D 88 5.68 -12.83 -14.84
CA SER D 88 4.51 -12.05 -15.22
C SER D 88 3.76 -11.56 -14.00
N ASP D 89 3.70 -12.38 -12.95
CA ASP D 89 3.06 -11.98 -11.70
C ASP D 89 3.94 -11.06 -10.88
N LEU D 90 5.26 -11.21 -10.98
CA LEU D 90 6.17 -10.33 -10.25
C LEU D 90 6.18 -8.92 -10.83
N CYS D 91 6.02 -8.81 -12.15
CA CYS D 91 6.04 -7.52 -12.84
C CYS D 91 4.66 -6.89 -12.94
N LYS D 92 3.70 -7.41 -12.19
CA LYS D 92 2.33 -6.88 -12.22
C LYS D 92 2.27 -5.52 -11.55
N LYS D 93 1.32 -4.70 -12.00
CA LYS D 93 1.17 -3.33 -11.52
C LYS D 93 -0.32 -2.97 -11.52
N CYS D 94 -0.96 -3.10 -10.36
CA CYS D 94 -2.28 -2.51 -10.18
C CYS D 94 -2.35 -1.49 -9.06
N ASP D 95 -1.26 -0.81 -8.74
CA ASP D 95 -1.37 0.51 -8.14
C ASP D 95 -1.77 1.49 -9.24
N PRO D 96 -2.95 2.10 -9.17
CA PRO D 96 -3.43 2.93 -10.29
C PRO D 96 -2.69 4.26 -10.32
N THR D 97 -1.97 4.50 -11.42
CA THR D 97 -1.27 5.76 -11.57
C THR D 97 -2.25 6.87 -11.96
N GLU D 98 -1.81 8.11 -11.83
CA GLU D 98 -2.61 9.27 -12.15
C GLU D 98 -2.06 9.92 -13.41
N VAL D 99 -2.88 9.97 -14.45
CA VAL D 99 -2.54 10.71 -15.66
C VAL D 99 -3.37 11.99 -15.67
N GLU D 100 -2.88 12.96 -16.44
CA GLU D 100 -3.50 14.28 -16.51
C GLU D 100 -4.03 14.49 -17.92
N LEU D 101 -5.35 14.51 -18.05
CA LEU D 101 -5.99 14.74 -19.33
C LEU D 101 -6.19 16.25 -19.53
N ASP D 102 -6.99 16.63 -20.52
CA ASP D 102 -7.20 18.05 -20.79
C ASP D 102 -8.09 18.70 -19.72
N ASN D 103 -9.14 18.00 -19.29
CA ASN D 103 -10.09 18.56 -18.33
C ASN D 103 -10.22 17.71 -17.07
N GLN D 104 -9.37 16.71 -16.87
CA GLN D 104 -9.56 15.78 -15.77
C GLN D 104 -8.24 15.14 -15.38
N ILE D 105 -8.14 14.78 -14.11
CA ILE D 105 -7.11 13.85 -13.62
C ILE D 105 -7.82 12.54 -13.31
N VAL D 106 -7.40 11.47 -13.96
CA VAL D 106 -8.06 10.18 -13.85
C VAL D 106 -7.06 9.13 -13.40
N THR D 107 -7.50 8.26 -12.49
CA THR D 107 -6.69 7.12 -12.10
C THR D 107 -6.61 6.13 -13.23
N ALA D 108 -5.40 5.67 -13.54
CA ALA D 108 -5.14 4.82 -14.69
C ALA D 108 -4.63 3.47 -14.22
N THR D 109 -5.32 2.39 -14.61
CA THR D 109 -4.84 1.05 -14.31
C THR D 109 -3.60 0.76 -15.14
N GLN D 110 -2.57 0.22 -14.49
CA GLN D 110 -1.29 0.02 -15.17
C GLN D 110 -1.17 -1.35 -15.84
N SER D 111 -2.05 -2.29 -15.52
CA SER D 111 -1.96 -3.62 -16.10
C SER D 111 -3.35 -4.25 -16.13
N ASN D 112 -3.50 -5.23 -17.02
CA ASN D 112 -4.73 -6.00 -17.14
C ASN D 112 -4.67 -7.35 -16.42
N ILE D 113 -3.56 -7.64 -15.74
CA ILE D 113 -3.36 -8.96 -15.15
C ILE D 113 -4.12 -9.08 -13.83
N CYS D 114 -3.78 -8.25 -12.85
CA CYS D 114 -4.48 -8.29 -11.57
C CYS D 114 -5.71 -7.39 -11.57
N ASP D 115 -6.66 -7.74 -10.71
CA ASP D 115 -7.95 -7.06 -10.68
C ASP D 115 -8.36 -6.66 -9.27
N GLU D 121 -2.18 -14.38 -2.22
CA GLU D 121 -0.84 -14.51 -2.76
C GLU D 121 0.12 -15.08 -1.72
N THR D 122 0.77 -16.18 -2.07
CA THR D 122 1.78 -16.79 -1.22
C THR D 122 3.17 -16.37 -1.68
N CYS D 123 4.05 -16.15 -0.72
CA CYS D 123 5.40 -15.72 -1.02
C CYS D 123 6.35 -16.24 0.04
N TYR D 124 7.64 -16.32 -0.33
CA TYR D 124 8.55 -17.27 0.28
C TYR D 124 9.48 -16.68 1.32
N THR D 125 9.77 -15.38 1.27
CA THR D 125 10.74 -14.77 2.17
C THR D 125 10.04 -13.81 3.12
N TYR D 126 10.69 -13.55 4.25
CA TYR D 126 10.24 -12.49 5.14
C TYR D 126 10.51 -11.13 4.51
N ASP D 127 9.72 -10.15 4.94
CA ASP D 127 9.90 -8.76 4.53
C ASP D 127 10.65 -8.01 5.61
N ARG D 128 11.64 -7.21 5.20
CA ARG D 128 12.42 -6.44 6.17
C ARG D 128 11.59 -5.30 6.76
N ASN D 129 10.74 -4.68 5.95
CA ASN D 129 9.92 -3.59 6.45
C ASN D 129 8.77 -4.09 7.32
N LYS D 130 8.25 -5.27 7.01
CA LYS D 130 7.13 -5.85 7.74
C LYS D 130 7.63 -6.70 8.90
N CYS D 131 6.71 -7.06 9.79
CA CYS D 131 6.98 -8.01 10.85
C CYS D 131 5.88 -9.04 10.91
N TYR D 132 6.27 -10.29 11.09
CA TYR D 132 5.35 -11.42 11.07
C TYR D 132 5.27 -12.01 12.46
N THR D 133 4.07 -12.40 12.87
CA THR D 133 3.83 -12.88 14.23
C THR D 133 3.17 -14.25 14.19
N ALA D 134 3.33 -14.97 15.30
CA ALA D 134 2.72 -16.28 15.45
C ALA D 134 2.24 -16.43 16.89
N VAL D 135 1.07 -17.02 17.06
CA VAL D 135 0.47 -17.22 18.38
C VAL D 135 0.74 -18.66 18.80
N VAL D 136 1.43 -18.82 19.92
CA VAL D 136 1.75 -20.16 20.42
C VAL D 136 1.09 -20.37 21.78
N PRO D 137 0.62 -21.58 22.10
CA PRO D 137 0.11 -21.83 23.45
C PRO D 137 1.24 -21.99 24.44
N LEU D 138 1.20 -21.18 25.50
CA LEU D 138 2.11 -21.31 26.64
C LEU D 138 1.30 -21.77 27.84
N VAL D 139 1.69 -22.89 28.42
CA VAL D 139 0.97 -23.50 29.53
C VAL D 139 1.87 -23.53 30.76
N TYR D 140 1.34 -23.03 31.88
CA TYR D 140 1.95 -23.17 33.20
C TYR D 140 0.88 -23.80 34.09
N GLY D 141 0.81 -25.13 34.04
CA GLY D 141 -0.30 -25.81 34.69
C GLY D 141 -1.48 -25.93 33.74
N GLY D 142 -2.45 -25.04 33.87
CA GLY D 142 -3.57 -25.00 32.97
C GLY D 142 -3.98 -23.60 32.58
N GLU D 143 -3.01 -22.68 32.57
CA GLU D 143 -3.32 -21.28 32.28
C GLU D 143 -3.60 -21.07 30.79
N THR D 144 -2.91 -21.81 29.93
CA THR D 144 -2.92 -21.78 28.45
C THR D 144 -3.08 -20.36 27.86
N LYS D 145 -2.15 -19.50 28.26
CA LYS D 145 -2.12 -18.14 27.70
C LYS D 145 -1.59 -18.18 26.28
N MET D 146 -2.39 -17.69 25.33
CA MET D 146 -2.02 -17.71 23.91
C MET D 146 -1.25 -16.44 23.58
N VAL D 147 0.03 -16.45 23.94
CA VAL D 147 0.90 -15.31 23.72
C VAL D 147 1.36 -15.28 22.26
N GLU D 148 1.87 -14.13 21.81
CA GLU D 148 2.34 -13.97 20.45
C GLU D 148 3.87 -14.09 20.40
N THR D 149 4.37 -14.44 19.23
CA THR D 149 5.80 -14.66 19.02
C THR D 149 6.26 -13.86 17.81
N ALA D 150 7.28 -13.04 17.99
CA ALA D 150 7.89 -12.34 16.87
C ALA D 150 8.70 -13.33 16.04
N LEU D 151 8.23 -13.61 14.82
CA LEU D 151 8.93 -14.56 13.95
C LEU D 151 10.27 -14.01 13.48
N THR D 152 10.31 -12.72 13.16
CA THR D 152 11.63 -12.13 13.02
C THR D 152 11.87 -11.11 14.14
N PRO D 153 13.07 -11.10 14.73
CA PRO D 153 13.30 -10.25 15.90
C PRO D 153 13.72 -8.83 15.57
N ASP D 154 14.39 -8.65 14.43
CA ASP D 154 15.00 -7.35 14.13
C ASP D 154 13.97 -6.34 13.64
N ALA D 155 13.02 -6.77 12.82
CA ALA D 155 12.09 -5.83 12.20
C ALA D 155 11.02 -5.34 13.17
N CYS D 156 10.60 -6.18 14.11
CA CYS D 156 9.59 -5.75 15.08
C CYS D 156 10.16 -4.74 16.06
N TYR D 157 11.33 -5.02 16.62
CA TYR D 157 11.95 -4.19 17.65
C TYR D 157 13.40 -3.90 17.26
N PRO D 158 13.64 -2.91 16.39
CA PRO D 158 15.03 -2.59 16.03
C PRO D 158 15.79 -1.91 17.17
C1 NAG E . -0.36 -19.38 7.48
C2 NAG E . -1.76 -19.49 6.87
C3 NAG E . -2.67 -18.42 7.46
C4 NAG E . -2.67 -18.46 8.99
C5 NAG E . -1.23 -18.42 9.52
C6 NAG E . -1.13 -18.62 11.01
C7 NAG E . -1.89 -20.44 4.61
C8 NAG E . -1.81 -20.15 3.15
N2 NAG E . -1.71 -19.39 5.43
O3 NAG E . -3.99 -18.60 6.97
O4 NAG E . -3.41 -17.37 9.51
O5 NAG E . -0.44 -19.45 8.91
O6 NAG E . -1.56 -19.92 11.38
O7 NAG E . -2.09 -21.57 5.05
C1 NAG E . -4.62 -17.83 10.15
C2 NAG E . -4.98 -16.84 11.27
C3 NAG E . -6.26 -17.29 11.96
C4 NAG E . -7.39 -17.47 10.94
C5 NAG E . -6.95 -18.41 9.82
C6 NAG E . -7.96 -18.50 8.71
C7 NAG E . -3.04 -15.68 12.23
C8 NAG E . -1.99 -15.71 13.29
N2 NAG E . -3.89 -16.72 12.23
O3 NAG E . -6.64 -16.33 12.94
O4 NAG E . -8.54 -18.00 11.58
O5 NAG E . -5.72 -17.94 9.23
O6 NAG E . -8.19 -17.23 8.11
O7 NAG E . -3.13 -14.77 11.42
C1 NAG F . 11.60 -32.85 -4.57
C2 NAG F . 10.55 -33.89 -4.17
C3 NAG F . 9.52 -34.07 -5.30
C4 NAG F . 8.94 -32.73 -5.71
C5 NAG F . 10.05 -31.74 -6.07
C6 NAG F . 9.54 -30.35 -6.36
C7 NAG F . 11.47 -35.51 -2.58
C8 NAG F . 12.10 -36.87 -2.41
N2 NAG F . 11.16 -35.16 -3.83
O3 NAG F . 8.49 -34.94 -4.86
O4 NAG F . 8.09 -32.90 -6.85
O5 NAG F . 10.96 -31.62 -4.96
O6 NAG F . 8.19 -30.18 -5.92
O7 NAG F . 11.25 -34.77 -1.63
C1 NAG G . 25.04 -8.93 -14.85
C2 NAG G . 25.32 -9.51 -13.47
C3 NAG G . 26.70 -9.03 -12.98
C4 NAG G . 27.77 -9.37 -14.01
C5 NAG G . 27.39 -8.81 -15.38
C6 NAG G . 28.34 -9.21 -16.48
C7 NAG G . 23.86 -9.92 -11.55
C8 NAG G . 22.78 -9.36 -10.66
N2 NAG G . 24.28 -9.12 -12.51
O3 NAG G . 27.01 -9.66 -11.74
O4 NAG G . 29.02 -8.79 -13.62
O5 NAG G . 26.09 -9.30 -15.77
O6 NAG G . 27.94 -8.69 -17.74
O7 NAG G . 24.31 -11.05 -11.38
CA CA H . 6.66 -1.26 7.99
CA CA I . 5.07 -1.01 1.02
#